data_3B0H
#
_entry.id   3B0H
#
_cell.length_a   99.343
_cell.length_b   112.085
_cell.length_c   92.503
_cell.angle_alpha   90.00
_cell.angle_beta   90.00
_cell.angle_gamma   90.00
#
_symmetry.space_group_name_H-M   'P 21 21 21'
#
loop_
_entity.id
_entity.type
_entity.pdbx_description
1 polymer 'Nitrite reductase'
2 non-polymer SIROHEME
3 non-polymer 'IRON/SULFUR CLUSTER'
4 non-polymer 'POTASSIUM ION'
5 non-polymer 'CHLORIDE ION'
6 water water
#
_entity_poly.entity_id   1
_entity_poly.type   'polypeptide(L)'
_entity_poly.pdbx_seq_one_letter_code
;MGHHHHHHHHHHSSGHIEGRHMFSKLHATPPQTVAVAPSGAAEIASERLEPRVEEKDGYWVLKEKFRQGINPAEKAKIEK
EPMKLFMENGIEDLAKISLEEIEGSKLTKDDIDVRLKWLGLFHRRKHHYGRFMMRLKLPNGVTTSSQTRYLASVIRKYGK
DGCADVTTRQNWQIRGVVLPDVPEILKGLDEVGLTSLQSGMDNVRNPVGNPLAGIDPHEIVDTRPYTNLLSQYVTANFRG
NPAVTNLPRKWNVCVIGSHDLYEHPQINDLAYMPATKDGRFGFNLLVGGFFSPKRCAEAVPLDAWVPADDVVPVCKAILE
AYRDLGTRGNRQKTRMMWLVDELGVEGFRAEVVKRMPQQKLDRESTEDLVQKQWERREYLGVHPQKQEGYSFVGLHIPVG
RVQADDMDELARLADEYGSGELRLTVEQNIIIPNVKNSKIEALLNEPLLKNRFSTDPPILMKNLVACTGNQFCGKAIIET
KARSMKITEEVQLLVSITQPVRMHWTGCPNSCAQVQVADIGFMGCLTRKEGKTVEGADVYLGGRIGSDSHLGDVYKKSVP
CEDLVPIIVDLLVDNFGAVPREREEAED
;
_entity_poly.pdbx_strand_id   A,B
#
# COMPACT_ATOMS: atom_id res chain seq x y z
N SER A 46 23.08 33.90 -11.94
CA SER A 46 21.78 33.47 -11.32
C SER A 46 21.55 33.91 -9.85
N GLU A 47 20.39 34.49 -9.60
CA GLU A 47 19.99 34.91 -8.26
C GLU A 47 19.73 33.70 -7.40
N ARG A 48 19.00 32.71 -7.92
CA ARG A 48 18.60 31.54 -7.11
C ARG A 48 19.77 30.75 -6.56
N LEU A 49 20.80 30.59 -7.40
CA LEU A 49 21.91 29.71 -7.06
C LEU A 49 23.07 30.43 -6.41
N GLU A 50 22.89 31.73 -6.15
CA GLU A 50 23.79 32.49 -5.31
C GLU A 50 23.57 32.07 -3.84
N PRO A 51 24.66 31.68 -3.13
CA PRO A 51 24.63 31.34 -1.71
C PRO A 51 23.98 32.42 -0.83
N ARG A 52 23.08 32.02 0.06
CA ARG A 52 22.32 32.99 0.83
C ARG A 52 23.14 33.52 2.01
N VAL A 53 24.11 32.72 2.45
CA VAL A 53 24.99 33.03 3.59
C VAL A 53 26.42 33.26 3.11
N GLU A 54 27.25 33.93 3.92
CA GLU A 54 28.66 34.14 3.59
C GLU A 54 29.52 34.08 4.88
N GLU A 55 30.76 33.65 4.73
CA GLU A 55 31.75 33.68 5.82
C GLU A 55 32.04 35.15 6.21
N LYS A 56 31.87 35.45 7.48
CA LYS A 56 32.18 36.77 8.02
C LYS A 56 32.80 36.59 9.40
N ASP A 57 34.13 36.75 9.46
CA ASP A 57 34.89 36.59 10.70
C ASP A 57 34.82 35.17 11.27
N GLY A 58 34.83 34.16 10.42
CA GLY A 58 34.82 32.79 10.94
C GLY A 58 33.46 32.21 11.30
N TYR A 59 32.42 33.04 11.20
CA TYR A 59 31.02 32.60 11.28
C TYR A 59 30.37 32.80 9.94
N TRP A 60 29.17 32.25 9.80
CA TRP A 60 28.44 32.19 8.54
C TRP A 60 27.10 32.89 8.67
N VAL A 61 26.98 34.04 8.02
CA VAL A 61 25.84 34.96 8.23
C VAL A 61 25.00 35.25 6.97
N LEU A 62 23.69 35.38 7.16
CA LEU A 62 22.77 35.66 6.05
C LEU A 62 23.07 37.03 5.44
N LYS A 63 23.31 37.07 4.12
CA LYS A 63 23.59 38.33 3.39
C LYS A 63 22.46 39.39 3.53
N GLU A 64 22.83 40.66 3.41
CA GLU A 64 21.89 41.78 3.57
C GLU A 64 20.78 41.71 2.51
N LYS A 65 21.09 41.07 1.38
CA LYS A 65 20.15 40.97 0.27
C LYS A 65 19.14 39.84 0.40
N PHE A 66 19.31 39.01 1.42
CA PHE A 66 18.44 37.88 1.57
C PHE A 66 17.63 37.88 2.84
N ARG A 67 17.13 39.07 3.23
CA ARG A 67 16.41 39.27 4.50
C ARG A 67 14.91 39.39 4.31
N GLN A 68 14.50 39.36 3.06
CA GLN A 68 13.10 39.40 2.69
C GLN A 68 12.32 38.19 3.23
N GLY A 69 11.30 38.45 4.06
CA GLY A 69 10.39 37.42 4.54
C GLY A 69 10.95 36.40 5.55
N ILE A 70 12.08 36.71 6.16
CA ILE A 70 12.74 35.74 7.02
C ILE A 70 11.99 35.54 8.35
N ASN A 71 12.16 34.36 8.94
CA ASN A 71 11.41 33.98 10.12
C ASN A 71 12.20 34.38 11.36
N PRO A 72 11.55 34.33 12.53
CA PRO A 72 12.13 34.66 13.84
C PRO A 72 13.44 33.96 14.25
N ALA A 73 13.62 32.70 13.87
CA ALA A 73 14.88 32.00 14.07
C ALA A 73 15.97 32.66 13.29
N GLU A 74 15.71 32.99 12.04
CA GLU A 74 16.68 33.70 11.21
C GLU A 74 17.07 35.04 11.83
N LYS A 75 16.08 35.77 12.35
CA LYS A 75 16.34 37.09 12.94
C LYS A 75 17.28 36.96 14.14
N ALA A 76 16.98 35.95 14.96
CA ALA A 76 17.80 35.65 16.12
C ALA A 76 19.22 35.34 15.72
N LYS A 77 19.41 34.55 14.67
CA LYS A 77 20.75 34.13 14.27
C LYS A 77 21.55 35.34 13.79
N ILE A 78 20.90 36.20 13.00
CA ILE A 78 21.46 37.48 12.56
C ILE A 78 21.92 38.36 13.72
N GLU A 79 21.01 38.65 14.65
CA GLU A 79 21.26 39.52 15.78
C GLU A 79 22.51 39.10 16.58
N LYS A 80 22.78 37.78 16.62
CA LYS A 80 24.02 37.27 17.23
C LYS A 80 24.31 35.81 16.85
N GLU A 81 25.49 35.55 16.31
CA GLU A 81 25.97 34.19 15.99
C GLU A 81 25.97 33.25 17.21
N PRO A 82 25.04 32.26 17.25
CA PRO A 82 24.92 31.39 18.42
C PRO A 82 26.23 30.72 18.87
N MET A 83 27.09 30.36 17.91
CA MET A 83 28.37 29.71 18.18
C MET A 83 29.39 30.48 18.99
N LYS A 84 29.23 31.80 19.12
CA LYS A 84 30.08 32.64 20.02
C LYS A 84 29.92 32.26 21.48
N LEU A 85 28.74 31.74 21.85
CA LEU A 85 28.48 31.27 23.21
C LEU A 85 29.50 30.22 23.65
N PHE A 86 29.83 29.33 22.72
CA PHE A 86 30.85 28.31 22.95
C PHE A 86 32.23 28.78 22.53
N MET A 87 32.33 29.22 21.28
CA MET A 87 33.63 29.39 20.65
C MET A 87 34.43 30.60 21.13
N GLU A 88 33.73 31.61 21.67
CA GLU A 88 34.35 32.78 22.32
C GLU A 88 34.04 32.72 23.81
N ASN A 89 33.60 31.55 24.25
CA ASN A 89 33.29 31.27 25.64
C ASN A 89 32.31 32.29 26.23
N GLY A 90 31.36 32.72 25.39
CA GLY A 90 30.31 33.64 25.79
C GLY A 90 29.49 33.09 26.93
N ILE A 91 29.35 31.76 26.98
CA ILE A 91 28.59 31.05 28.04
C ILE A 91 29.12 31.40 29.44
N GLU A 92 30.43 31.58 29.58
CA GLU A 92 31.04 31.89 30.87
C GLU A 92 30.49 33.18 31.47
N ASP A 93 30.17 34.14 30.60
CA ASP A 93 29.60 35.42 31.02
C ASP A 93 28.12 35.34 31.26
N LEU A 94 27.42 34.70 30.32
CA LEU A 94 25.99 34.47 30.42
C LEU A 94 25.63 33.69 31.71
N ALA A 95 26.48 32.74 32.08
CA ALA A 95 26.24 31.89 33.24
C ALA A 95 26.27 32.63 34.59
N LYS A 96 26.63 33.91 34.55
CA LYS A 96 26.75 34.71 35.77
C LYS A 96 25.60 35.69 35.93
N ILE A 97 25.11 36.21 34.80
CA ILE A 97 23.93 37.04 34.80
C ILE A 97 22.79 36.27 35.50
N SER A 98 22.04 36.94 36.38
CA SER A 98 20.93 36.30 37.05
C SER A 98 19.83 36.03 36.03
N LEU A 99 18.96 35.07 36.34
CA LEU A 99 17.83 34.81 35.47
C LEU A 99 16.96 36.02 35.13
N GLU A 100 16.59 36.87 36.09
CA GLU A 100 15.72 37.99 35.70
C GLU A 100 16.46 39.13 35.02
N GLU A 101 17.75 39.30 35.27
CA GLU A 101 18.52 40.22 34.45
C GLU A 101 18.47 39.73 32.98
N ILE A 102 18.67 38.42 32.78
CA ILE A 102 18.58 37.78 31.45
C ILE A 102 17.24 38.01 30.77
N GLU A 103 16.17 37.94 31.58
CA GLU A 103 14.81 38.08 31.09
C GLU A 103 14.44 39.49 30.65
N GLY A 104 15.17 40.48 31.16
CA GLY A 104 14.94 41.89 30.88
C GLY A 104 15.29 42.38 29.48
N SER A 105 16.09 41.59 28.75
CA SER A 105 16.44 41.96 27.38
C SER A 105 16.20 40.82 26.39
N LYS A 106 15.62 41.17 25.25
CA LYS A 106 15.41 40.22 24.17
C LYS A 106 16.68 39.44 23.79
N LEU A 107 17.84 40.09 23.81
CA LEU A 107 19.05 39.42 23.32
C LEU A 107 19.45 38.24 24.21
N THR A 108 19.42 38.46 25.53
CA THR A 108 19.84 37.44 26.51
C THR A 108 18.77 36.40 26.75
N LYS A 109 17.51 36.79 26.60
CA LYS A 109 16.41 35.86 26.62
C LYS A 109 16.44 34.96 25.34
N ASP A 110 16.78 35.54 24.20
CA ASP A 110 17.06 34.74 23.02
C ASP A 110 18.31 33.85 23.18
N ASP A 111 19.33 34.34 23.87
CA ASP A 111 20.50 33.53 24.19
C ASP A 111 20.08 32.20 24.89
N ILE A 112 19.24 32.30 25.93
CA ILE A 112 18.82 31.14 26.72
C ILE A 112 17.76 30.28 26.05
N ASP A 113 16.80 30.91 25.37
CA ASP A 113 15.69 30.18 24.73
C ASP A 113 15.99 29.63 23.33
N VAL A 114 17.06 30.11 22.69
CA VAL A 114 17.30 29.76 21.31
C VAL A 114 18.76 29.39 21.09
N ARG A 115 19.67 30.36 21.27
CA ARG A 115 21.06 30.18 20.87
C ARG A 115 21.75 29.08 21.66
N LEU A 116 21.26 28.83 22.87
CA LEU A 116 21.91 27.84 23.74
C LEU A 116 21.68 26.41 23.25
N LYS A 117 20.79 26.23 22.27
CA LYS A 117 20.55 24.94 21.66
C LYS A 117 21.69 24.51 20.75
N TRP A 118 22.51 25.48 20.34
CA TRP A 118 23.74 25.22 19.58
C TRP A 118 24.84 24.66 20.50
N LEU A 119 24.63 24.78 21.81
CA LEU A 119 25.48 24.12 22.79
C LEU A 119 24.76 22.94 23.45
N GLY A 120 23.63 22.51 22.87
CA GLY A 120 22.93 21.32 23.34
C GLY A 120 22.07 21.56 24.56
N LEU A 121 21.77 22.84 24.83
CA LEU A 121 21.02 23.21 26.03
C LEU A 121 19.64 23.78 25.69
N PHE A 122 18.60 23.20 26.29
CA PHE A 122 17.21 23.51 25.93
C PHE A 122 16.47 24.03 27.14
N HIS A 123 16.15 25.32 27.14
CA HIS A 123 15.49 25.91 28.30
C HIS A 123 14.03 25.42 28.37
N ARG A 124 13.67 24.76 29.46
CA ARG A 124 12.28 24.36 29.66
C ARG A 124 11.50 25.51 30.31
N ARG A 125 11.22 26.55 29.53
CA ARG A 125 10.62 27.79 30.00
C ARG A 125 9.27 27.47 30.63
N LYS A 126 8.49 26.64 29.95
CA LYS A 126 7.10 26.38 30.28
C LYS A 126 6.86 25.35 31.40
N HIS A 127 7.66 24.28 31.44
CA HIS A 127 7.39 23.17 32.37
C HIS A 127 8.50 22.99 33.38
N HIS A 128 9.60 23.71 33.20
CA HIS A 128 10.74 23.59 34.10
C HIS A 128 11.52 24.91 34.09
N TYR A 129 10.80 26.01 34.38
CA TYR A 129 11.38 27.34 34.28
C TYR A 129 12.76 27.47 34.94
N GLY A 130 13.74 27.98 34.20
CA GLY A 130 15.06 28.21 34.75
C GLY A 130 15.95 27.00 34.73
N ARG A 131 15.41 25.87 34.27
CA ARG A 131 16.20 24.67 34.05
C ARG A 131 16.30 24.27 32.58
N PHE A 132 17.34 23.52 32.29
CA PHE A 132 17.67 23.11 30.94
C PHE A 132 17.76 21.61 30.83
N MET A 133 17.04 21.04 29.86
CA MET A 133 17.44 19.77 29.27
C MET A 133 18.78 19.94 28.49
N MET A 134 19.64 18.92 28.51
CA MET A 134 20.90 18.96 27.80
C MET A 134 21.05 17.74 26.90
N ARG A 135 21.53 17.95 25.66
CA ARG A 135 21.47 16.92 24.63
C ARG A 135 22.80 16.81 23.93
N LEU A 136 23.29 15.59 23.77
CA LEU A 136 24.66 15.35 23.25
C LEU A 136 24.79 15.13 21.73
N LYS A 137 26.03 14.95 21.32
CA LYS A 137 26.38 14.17 20.14
C LYS A 137 26.76 12.81 20.71
N LEU A 138 26.16 11.75 20.21
CA LEU A 138 26.52 10.40 20.62
C LEU A 138 26.37 9.55 19.38
N PRO A 139 27.29 9.71 18.41
CA PRO A 139 27.17 9.01 17.12
C PRO A 139 27.01 7.51 17.30
N ASN A 140 26.05 6.92 16.60
CA ASN A 140 25.86 5.47 16.64
C ASN A 140 25.31 4.97 17.97
N GLY A 141 25.10 5.87 18.93
CA GLY A 141 24.55 5.51 20.22
C GLY A 141 25.52 4.82 21.15
N VAL A 142 26.82 4.95 20.91
CA VAL A 142 27.87 4.30 21.73
C VAL A 142 28.31 5.15 22.92
N THR A 143 28.09 4.65 24.14
CA THR A 143 28.50 5.30 25.38
C THR A 143 29.39 4.42 26.25
N THR A 144 30.15 5.06 27.12
CA THR A 144 30.98 4.34 28.03
C THR A 144 30.34 4.37 29.43
N SER A 145 30.80 3.48 30.29
CA SER A 145 30.33 3.47 31.65
C SER A 145 30.78 4.77 32.34
N SER A 146 31.94 5.30 31.97
CA SER A 146 32.42 6.52 32.63
C SER A 146 31.75 7.81 32.13
N GLN A 147 31.33 7.83 30.88
CA GLN A 147 30.35 8.82 30.43
C GLN A 147 29.02 8.74 31.19
N THR A 148 28.55 7.51 31.39
CA THR A 148 27.25 7.28 31.98
C THR A 148 27.28 7.61 33.48
N ARG A 149 28.42 7.36 34.11
CA ARG A 149 28.65 7.72 35.51
C ARG A 149 28.73 9.24 35.66
N TYR A 150 29.36 9.92 34.70
CA TYR A 150 29.49 11.36 34.77
C TYR A 150 28.14 12.07 34.66
N LEU A 151 27.34 11.63 33.69
CA LEU A 151 25.99 12.13 33.53
C LEU A 151 25.13 11.89 34.79
N ALA A 152 25.24 10.70 35.37
CA ALA A 152 24.54 10.39 36.62
C ALA A 152 24.97 11.35 37.74
N SER A 153 26.27 11.64 37.84
CA SER A 153 26.74 12.58 38.86
C SER A 153 26.21 14.02 38.64
N VAL A 154 25.95 14.39 37.38
CA VAL A 154 25.35 15.68 37.06
C VAL A 154 23.88 15.74 37.49
N ILE A 155 23.09 14.77 37.02
CA ILE A 155 21.65 14.80 37.29
C ILE A 155 21.29 14.55 38.75
N ARG A 156 22.12 13.75 39.44
CA ARG A 156 22.06 13.58 40.89
C ARG A 156 22.11 14.87 41.70
N LYS A 157 22.83 15.89 41.22
CA LYS A 157 22.88 17.18 41.94
C LYS A 157 21.51 17.82 42.07
N TYR A 158 20.64 17.59 41.11
CA TYR A 158 19.30 18.21 41.10
C TYR A 158 18.22 17.37 41.79
N GLY A 159 18.65 16.32 42.50
CA GLY A 159 17.73 15.40 43.17
C GLY A 159 16.56 15.05 42.29
N LYS A 160 15.41 15.57 42.66
CA LYS A 160 14.15 15.20 42.02
C LYS A 160 13.80 16.10 40.83
N ASP A 161 14.61 17.14 40.61
CA ASP A 161 14.60 17.86 39.35
C ASP A 161 15.57 17.29 38.30
N GLY A 162 16.33 16.26 38.67
CA GLY A 162 17.12 15.53 37.69
C GLY A 162 16.51 14.19 37.25
N CYS A 163 16.71 13.87 35.98
CA CYS A 163 16.55 12.53 35.42
C CYS A 163 17.21 12.60 34.03
N ALA A 164 17.23 11.49 33.31
CA ALA A 164 17.73 11.46 31.95
C ALA A 164 16.79 10.60 31.07
N ASP A 165 17.14 10.47 29.80
CA ASP A 165 16.32 9.81 28.78
C ASP A 165 17.19 9.26 27.64
N VAL A 166 16.86 8.07 27.13
CA VAL A 166 17.38 7.67 25.83
C VAL A 166 16.40 8.23 24.76
N THR A 167 16.90 8.80 23.67
CA THR A 167 16.03 9.35 22.62
C THR A 167 15.86 8.47 21.36
N THR A 168 14.91 8.88 20.53
CA THR A 168 14.64 8.25 19.26
C THR A 168 15.71 8.54 18.19
N ARG A 169 16.84 9.15 18.58
CA ARG A 169 18.09 9.16 17.77
C ARG A 169 19.25 8.52 18.56
N GLN A 170 18.92 7.48 19.33
CA GLN A 170 19.88 6.71 20.18
C GLN A 170 20.86 7.59 20.93
N ASN A 171 20.31 8.59 21.60
CA ASN A 171 21.09 9.66 22.24
C ASN A 171 20.72 9.83 23.72
N TRP A 172 21.63 10.42 24.48
CA TRP A 172 21.34 10.81 25.84
C TRP A 172 20.83 12.27 25.88
N GLN A 173 19.77 12.49 26.66
CA GLN A 173 19.46 13.79 27.21
C GLN A 173 19.46 13.66 28.74
N ILE A 174 19.91 14.72 29.41
CA ILE A 174 19.79 14.88 30.87
C ILE A 174 18.90 16.10 31.19
N ARG A 175 18.34 16.12 32.39
CA ARG A 175 17.40 17.16 32.77
C ARG A 175 17.73 17.76 34.13
N GLY A 176 17.26 18.98 34.35
CA GLY A 176 17.46 19.66 35.61
C GLY A 176 18.60 20.66 35.63
N VAL A 177 19.37 20.74 34.54
CA VAL A 177 20.57 21.58 34.51
C VAL A 177 20.20 23.05 34.72
N VAL A 178 20.99 23.74 35.56
CA VAL A 178 20.87 25.19 35.74
C VAL A 178 22.09 25.94 35.18
N LEU A 179 21.85 27.16 34.69
CA LEU A 179 22.83 27.96 33.97
C LEU A 179 24.19 28.14 34.68
N PRO A 180 24.20 28.44 36.00
CA PRO A 180 25.54 28.56 36.64
C PRO A 180 26.43 27.30 36.57
N ASP A 181 25.83 26.11 36.44
CA ASP A 181 26.58 24.84 36.36
C ASP A 181 27.13 24.52 34.95
N VAL A 182 26.60 25.20 33.94
CA VAL A 182 26.87 24.89 32.55
C VAL A 182 28.36 24.81 32.12
N PRO A 183 29.19 25.85 32.44
CA PRO A 183 30.62 25.81 32.11
C PRO A 183 31.38 24.60 32.68
N GLU A 184 30.97 24.14 33.86
CA GLU A 184 31.62 22.99 34.50
C GLU A 184 31.11 21.69 33.91
N ILE A 185 29.81 21.65 33.57
CA ILE A 185 29.21 20.50 32.91
C ILE A 185 29.86 20.29 31.55
N LEU A 186 30.09 21.39 30.86
CA LEU A 186 30.68 21.39 29.53
C LEU A 186 32.11 20.87 29.56
N LYS A 187 32.87 21.25 30.59
CA LYS A 187 34.25 20.77 30.80
C LYS A 187 34.25 19.29 31.11
N GLY A 188 33.28 18.88 31.90
CA GLY A 188 33.09 17.51 32.36
C GLY A 188 32.65 16.57 31.25
N LEU A 189 31.82 17.06 30.34
CA LEU A 189 31.50 16.29 29.14
C LEU A 189 32.78 16.01 28.39
N ASP A 190 33.53 17.08 28.12
CA ASP A 190 34.77 16.98 27.34
C ASP A 190 35.75 15.93 27.91
N GLU A 191 35.87 15.86 29.24
CA GLU A 191 36.82 14.93 29.88
C GLU A 191 36.49 13.47 29.63
N VAL A 192 35.20 13.18 29.51
CA VAL A 192 34.77 11.79 29.26
C VAL A 192 34.56 11.43 27.77
N GLY A 193 35.00 12.28 26.85
CA GLY A 193 34.90 12.03 25.39
C GLY A 193 33.56 12.37 24.71
N LEU A 194 32.82 13.28 25.34
CA LEU A 194 31.52 13.70 24.90
C LEU A 194 31.52 15.17 24.47
N THR A 195 30.61 15.50 23.55
CA THR A 195 30.24 16.88 23.26
C THR A 195 28.71 17.05 23.23
N SER A 196 28.25 18.28 23.46
CA SER A 196 26.85 18.59 23.33
C SER A 196 26.60 19.61 22.20
N LEU A 197 27.63 19.85 21.40
CA LEU A 197 27.54 20.82 20.33
C LEU A 197 26.49 20.48 19.29
N GLN A 198 25.73 21.53 18.94
CA GLN A 198 25.01 21.56 17.69
C GLN A 198 23.94 20.47 17.68
N SER A 199 23.35 20.20 18.85
CA SER A 199 22.40 19.11 18.96
C SER A 199 20.93 19.54 18.87
N GLY A 200 20.71 20.85 18.89
CA GLY A 200 19.38 21.40 18.69
C GLY A 200 19.40 22.49 17.63
N MET A 201 18.23 23.07 17.37
CA MET A 201 18.02 24.09 16.32
C MET A 201 18.70 23.76 14.96
N ASP A 202 19.15 24.78 14.25
CA ASP A 202 19.44 24.64 12.82
C ASP A 202 20.81 24.01 12.57
N ASN A 203 20.93 22.78 13.07
CA ASN A 203 22.20 22.06 13.16
C ASN A 203 22.08 20.62 12.63
N VAL A 204 23.22 20.01 12.27
CA VAL A 204 23.30 18.54 12.09
C VAL A 204 23.01 17.80 13.41
N ARG A 205 21.93 17.02 13.42
CA ARG A 205 21.50 16.20 14.58
C ARG A 205 22.33 14.90 14.76
N ASN A 206 22.04 14.12 15.81
CA ASN A 206 22.91 12.95 16.18
C ASN A 206 23.04 11.96 15.04
N PRO A 207 24.29 11.66 14.59
CA PRO A 207 24.39 10.64 13.52
C PRO A 207 24.02 9.24 14.00
N VAL A 208 23.04 8.63 13.34
CA VAL A 208 22.48 7.33 13.69
C VAL A 208 23.15 6.17 12.90
N GLY A 209 23.50 5.10 13.59
CA GLY A 209 24.09 3.94 12.94
C GLY A 209 23.42 2.70 13.46
N ASN A 210 24.08 1.56 13.23
CA ASN A 210 23.60 0.25 13.67
C ASN A 210 23.89 0.08 15.17
N PRO A 211 22.84 -0.15 15.98
CA PRO A 211 23.10 -0.36 17.43
C PRO A 211 23.95 -1.60 17.72
N LEU A 212 24.03 -2.51 16.76
CA LEU A 212 24.85 -3.70 16.92
C LEU A 212 26.17 -3.63 16.17
N ALA A 213 26.55 -2.44 15.69
CA ALA A 213 27.77 -2.29 14.87
C ALA A 213 28.95 -2.95 15.58
N GLY A 214 29.81 -3.61 14.81
CA GLY A 214 31.02 -4.25 15.34
C GLY A 214 30.79 -5.60 16.00
N ILE A 215 29.62 -5.81 16.61
CA ILE A 215 29.29 -7.03 17.36
C ILE A 215 28.26 -7.91 16.65
N ASP A 216 27.63 -7.38 15.60
CA ASP A 216 26.50 -8.01 14.89
C ASP A 216 27.07 -9.11 13.99
N PRO A 217 26.61 -10.38 14.15
CA PRO A 217 27.15 -11.43 13.26
C PRO A 217 26.64 -11.26 11.82
N HIS A 218 25.54 -10.53 11.65
CA HIS A 218 24.94 -10.37 10.31
C HIS A 218 25.09 -9.00 9.70
N GLU A 219 25.91 -8.15 10.30
CA GLU A 219 26.01 -6.77 9.83
C GLU A 219 26.62 -6.76 8.44
N ILE A 220 26.22 -5.74 7.67
CA ILE A 220 26.74 -5.50 6.34
C ILE A 220 28.10 -4.81 6.45
N VAL A 221 28.21 -3.85 7.36
CA VAL A 221 29.39 -2.98 7.54
C VAL A 221 29.22 -2.30 8.89
N ASP A 222 30.31 -2.20 9.63
CA ASP A 222 30.29 -1.54 10.91
C ASP A 222 30.13 -0.03 10.66
N THR A 223 29.06 0.55 11.18
CA THR A 223 28.78 1.96 10.98
C THR A 223 29.57 2.90 11.89
N ARG A 224 30.22 2.37 12.93
CA ARG A 224 30.89 3.27 13.90
C ARG A 224 31.94 4.19 13.30
N PRO A 225 32.84 3.69 12.41
CA PRO A 225 33.86 4.63 11.90
C PRO A 225 33.27 5.82 11.15
N TYR A 226 32.11 5.62 10.50
CA TYR A 226 31.45 6.62 9.67
C TYR A 226 30.66 7.63 10.47
N THR A 227 29.84 7.14 11.40
CA THR A 227 29.04 8.02 12.21
C THR A 227 29.98 8.89 13.03
N ASN A 228 31.10 8.30 13.49
CA ASN A 228 32.16 9.01 14.21
C ASN A 228 32.85 10.11 13.39
N LEU A 229 33.22 9.80 12.15
CA LEU A 229 33.83 10.80 11.26
C LEU A 229 32.84 11.93 10.94
N LEU A 230 31.55 11.61 10.79
CA LEU A 230 30.52 12.63 10.50
C LEU A 230 30.41 13.60 11.66
N SER A 231 30.38 13.04 12.86
CA SER A 231 30.23 13.83 14.07
C SER A 231 31.47 14.69 14.26
N GLN A 232 32.63 14.12 13.97
CA GLN A 232 33.90 14.81 14.16
C GLN A 232 34.00 15.96 13.17
N TYR A 233 33.67 15.68 11.90
CA TYR A 233 33.60 16.71 10.90
C TYR A 233 32.61 17.79 11.32
N VAL A 234 31.42 17.37 11.75
CA VAL A 234 30.35 18.33 12.06
C VAL A 234 30.68 19.32 13.19
N THR A 235 31.41 18.87 14.21
CA THR A 235 31.80 19.68 15.38
C THR A 235 33.30 20.12 15.36
N ALA A 236 33.97 19.89 14.23
CA ALA A 236 35.39 20.19 14.10
C ALA A 236 36.16 19.68 15.35
N ASN A 237 36.05 18.38 15.58
CA ASN A 237 36.69 17.71 16.69
C ASN A 237 36.40 18.31 18.07
N PHE A 238 35.15 18.73 18.25
CA PHE A 238 34.63 19.25 19.52
C PHE A 238 34.85 20.77 19.72
N ARG A 239 35.47 21.43 18.74
CA ARG A 239 35.70 22.88 18.80
C ARG A 239 34.47 23.70 18.39
N GLY A 240 33.61 23.09 17.56
CA GLY A 240 32.52 23.81 16.92
C GLY A 240 32.89 24.08 15.48
N ASN A 241 31.93 23.90 14.57
CA ASN A 241 32.20 24.13 13.15
C ASN A 241 31.16 25.08 12.56
N PRO A 242 31.41 26.42 12.63
CA PRO A 242 30.46 27.46 12.17
C PRO A 242 30.05 27.29 10.73
N ALA A 243 30.86 26.56 9.95
CA ALA A 243 30.56 26.32 8.54
C ALA A 243 29.24 25.58 8.35
N VAL A 244 28.82 24.82 9.38
CA VAL A 244 27.59 24.00 9.31
C VAL A 244 26.56 24.28 10.38
N THR A 245 26.69 25.44 11.03
CA THR A 245 25.83 25.79 12.17
C THR A 245 24.80 26.82 11.82
N ASN A 246 24.76 27.20 10.54
CA ASN A 246 23.71 28.12 10.06
C ASN A 246 22.96 27.54 8.85
N LEU A 247 22.23 26.47 9.12
CA LEU A 247 21.40 25.81 8.13
C LEU A 247 20.01 26.46 8.16
N PRO A 248 19.23 26.33 7.09
CA PRO A 248 17.86 26.81 7.23
C PRO A 248 16.99 26.07 8.26
N ARG A 249 17.43 24.90 8.73
CA ARG A 249 16.66 24.09 9.69
C ARG A 249 17.53 22.90 10.08
N LYS A 250 17.07 22.12 11.07
CA LYS A 250 17.68 20.84 11.46
C LYS A 250 17.89 19.86 10.29
N TRP A 251 18.79 18.92 10.51
CA TRP A 251 19.25 18.05 9.45
C TRP A 251 19.75 16.77 10.13
N ASN A 252 19.02 15.69 9.83
CA ASN A 252 19.24 14.34 10.35
C ASN A 252 20.06 13.53 9.36
N VAL A 253 21.14 12.90 9.86
CA VAL A 253 21.95 11.99 9.07
C VAL A 253 22.04 10.53 9.68
N CYS A 254 22.11 9.51 8.83
CA CYS A 254 22.31 8.13 9.32
C CYS A 254 23.15 7.29 8.37
N VAL A 255 23.84 6.30 8.93
CA VAL A 255 24.64 5.34 8.16
C VAL A 255 24.07 3.93 8.41
N ILE A 256 23.61 3.28 7.34
CA ILE A 256 23.01 1.94 7.43
C ILE A 256 24.09 0.86 7.36
N GLY A 257 24.13 -0.02 8.36
CA GLY A 257 25.02 -1.16 8.33
C GLY A 257 24.29 -2.47 8.62
N SER A 258 22.96 -2.45 8.57
CA SER A 258 22.18 -3.60 8.98
C SER A 258 21.07 -3.85 7.98
N HIS A 259 20.76 -5.12 7.75
CA HIS A 259 19.68 -5.51 6.83
C HIS A 259 18.31 -5.16 7.43
N ASP A 260 18.26 -5.11 8.76
CA ASP A 260 17.06 -4.73 9.51
C ASP A 260 16.66 -3.28 9.33
N LEU A 261 17.65 -2.45 8.94
CA LEU A 261 17.42 -0.99 8.79
C LEU A 261 16.92 -0.36 10.10
N TYR A 262 17.61 -0.72 11.17
CA TYR A 262 17.47 -0.11 12.47
C TYR A 262 17.69 1.39 12.40
N GLU A 263 18.37 1.85 11.34
CA GLU A 263 18.80 3.23 11.20
C GLU A 263 17.73 4.17 10.63
N HIS A 264 16.58 3.61 10.23
CA HIS A 264 15.49 4.39 9.58
C HIS A 264 15.90 5.32 8.44
N PRO A 265 16.58 4.77 7.41
CA PRO A 265 17.06 5.63 6.32
C PRO A 265 15.94 6.46 5.67
N GLN A 266 14.76 5.86 5.58
CA GLN A 266 13.65 6.46 4.85
C GLN A 266 13.23 7.84 5.44
N ILE A 267 13.50 8.07 6.72
CA ILE A 267 13.11 9.33 7.41
C ILE A 267 14.30 10.24 7.82
N ASN A 268 15.41 10.13 7.09
CA ASN A 268 16.56 11.00 7.30
C ASN A 268 16.86 11.95 6.13
N ASP A 269 17.42 13.11 6.47
CA ASP A 269 17.80 14.12 5.48
C ASP A 269 18.90 13.61 4.57
N LEU A 270 19.86 12.89 5.14
CA LEU A 270 20.80 12.11 4.36
C LEU A 270 20.91 10.71 4.97
N ALA A 271 20.69 9.69 4.13
CA ALA A 271 20.93 8.29 4.49
C ALA A 271 22.04 7.69 3.60
N TYR A 272 23.01 7.03 4.24
CA TYR A 272 24.06 6.31 3.53
C TYR A 272 23.75 4.81 3.47
N MET A 273 23.42 4.35 2.27
CA MET A 273 23.01 2.96 2.00
C MET A 273 24.16 2.10 1.43
N PRO A 274 24.58 1.04 2.15
CA PRO A 274 25.73 0.23 1.72
C PRO A 274 25.52 -0.42 0.35
N ALA A 275 26.56 -0.37 -0.48
CA ALA A 275 26.47 -0.72 -1.90
C ALA A 275 27.84 -0.77 -2.56
N THR A 276 28.01 -1.78 -3.39
CA THR A 276 29.25 -1.98 -4.10
C THR A 276 29.08 -1.33 -5.45
N LYS A 277 30.14 -0.73 -5.95
CA LYS A 277 30.14 -0.27 -7.34
C LYS A 277 31.44 -0.64 -7.98
N ASP A 278 31.35 -1.40 -9.09
CA ASP A 278 32.52 -1.84 -9.83
C ASP A 278 33.52 -2.51 -8.89
N GLY A 279 32.97 -3.33 -8.01
CA GLY A 279 33.74 -4.05 -7.02
C GLY A 279 34.26 -3.30 -5.80
N ARG A 280 33.99 -1.99 -5.69
CA ARG A 280 34.41 -1.18 -4.54
C ARG A 280 33.26 -1.01 -3.57
N PHE A 281 33.56 -0.99 -2.27
CA PHE A 281 32.56 -0.68 -1.26
C PHE A 281 32.29 0.83 -1.14
N GLY A 282 31.01 1.19 -1.16
CA GLY A 282 30.60 2.56 -0.86
C GLY A 282 29.15 2.65 -0.44
N PHE A 283 28.53 3.80 -0.74
CA PHE A 283 27.16 4.06 -0.28
C PHE A 283 26.37 4.76 -1.37
N ASN A 284 25.17 4.27 -1.62
CA ASN A 284 24.17 5.01 -2.37
C ASN A 284 23.54 6.05 -1.44
N LEU A 285 23.16 7.20 -1.97
CA LEU A 285 22.73 8.29 -1.11
C LEU A 285 21.26 8.58 -1.31
N LEU A 286 20.58 8.78 -0.20
CA LEU A 286 19.15 9.08 -0.19
C LEU A 286 18.98 10.36 0.58
N VAL A 287 18.07 11.22 0.12
CA VAL A 287 17.95 12.54 0.69
C VAL A 287 16.51 12.98 0.96
N GLY A 288 16.35 13.87 1.95
CA GLY A 288 15.13 14.67 2.04
C GLY A 288 14.04 14.16 2.96
N GLY A 289 14.26 12.99 3.57
CA GLY A 289 13.23 12.37 4.40
C GLY A 289 13.08 13.24 5.61
N PHE A 290 11.83 13.47 6.03
CA PHE A 290 11.57 14.29 7.20
C PHE A 290 10.15 14.09 7.67
N PHE A 291 9.91 14.46 8.93
CA PHE A 291 8.58 14.61 9.52
C PHE A 291 8.42 16.05 9.97
N SER A 292 7.26 16.65 9.67
CA SER A 292 6.96 17.96 10.26
C SER A 292 5.46 18.05 10.50
N PRO A 293 4.98 19.07 11.26
CA PRO A 293 3.52 19.15 11.42
C PRO A 293 2.79 19.25 10.07
N LYS A 294 3.42 19.95 9.12
CA LYS A 294 2.78 20.29 7.83
C LYS A 294 2.90 19.20 6.73
N ARG A 295 4.00 18.46 6.74
CA ARG A 295 4.30 17.50 5.72
C ARG A 295 5.36 16.51 6.19
N CYS A 296 5.19 15.25 5.80
CA CYS A 296 6.19 14.19 5.94
C CYS A 296 6.56 13.75 4.55
N ALA A 297 7.81 13.31 4.38
CA ALA A 297 8.29 12.75 3.12
C ALA A 297 9.30 11.64 3.42
N GLU A 298 9.28 10.59 2.63
CA GLU A 298 10.35 9.60 2.68
C GLU A 298 11.56 10.04 1.85
N ALA A 299 12.76 9.67 2.29
CA ALA A 299 13.97 9.95 1.53
C ALA A 299 13.88 9.43 0.07
N VAL A 300 14.39 10.22 -0.88
CA VAL A 300 14.46 9.80 -2.29
C VAL A 300 15.94 9.61 -2.71
N PRO A 301 16.20 8.71 -3.69
CA PRO A 301 17.59 8.59 -4.14
C PRO A 301 18.12 9.91 -4.71
N LEU A 302 19.34 10.28 -4.34
CA LEU A 302 20.04 11.40 -4.99
C LEU A 302 20.59 10.99 -6.38
N ASP A 303 20.38 9.72 -6.73
CA ASP A 303 21.06 9.01 -7.80
C ASP A 303 22.56 9.22 -7.68
N ALA A 304 23.12 8.87 -6.52
CA ALA A 304 24.56 9.00 -6.34
C ALA A 304 25.14 7.87 -5.50
N TRP A 305 26.37 7.50 -5.84
CA TRP A 305 27.14 6.54 -5.08
C TRP A 305 28.48 7.18 -4.78
N VAL A 306 28.99 6.99 -3.57
CA VAL A 306 30.33 7.46 -3.17
C VAL A 306 31.12 6.30 -2.59
N PRO A 307 32.44 6.28 -2.79
CA PRO A 307 33.29 5.32 -2.11
C PRO A 307 33.37 5.59 -0.62
N ALA A 308 33.72 4.55 0.15
CA ALA A 308 33.83 4.61 1.61
C ALA A 308 34.46 5.91 2.17
N ASP A 309 35.54 6.38 1.57
CA ASP A 309 36.16 7.57 2.17
C ASP A 309 35.71 8.94 1.62
N ASP A 310 34.71 8.94 0.74
CA ASP A 310 34.03 10.19 0.33
C ASP A 310 32.79 10.52 1.18
N VAL A 311 32.57 9.78 2.26
CA VAL A 311 31.41 9.95 3.13
C VAL A 311 31.38 11.36 3.73
N VAL A 312 32.49 11.78 4.34
CA VAL A 312 32.63 13.16 4.83
C VAL A 312 32.60 14.23 3.68
N PRO A 313 33.47 14.12 2.66
CA PRO A 313 33.32 15.03 1.52
C PRO A 313 31.86 15.26 0.99
N VAL A 314 31.05 14.20 0.88
CA VAL A 314 29.66 14.35 0.35
C VAL A 314 28.70 14.89 1.40
N CYS A 315 28.94 14.55 2.67
CA CYS A 315 28.19 15.19 3.74
C CYS A 315 28.41 16.70 3.65
N LYS A 316 29.68 17.08 3.59
CA LYS A 316 30.08 18.47 3.42
C LYS A 316 29.39 19.14 2.24
N ALA A 317 29.42 18.50 1.08
CA ALA A 317 28.86 19.10 -0.13
C ALA A 317 27.33 19.32 -0.05
N ILE A 318 26.60 18.32 0.47
CA ILE A 318 25.14 18.41 0.67
C ILE A 318 24.79 19.47 1.73
N LEU A 319 25.49 19.43 2.86
CA LEU A 319 25.29 20.41 3.90
C LEU A 319 25.52 21.83 3.37
N GLU A 320 26.64 22.01 2.68
CA GLU A 320 26.93 23.29 2.02
C GLU A 320 25.90 23.73 0.98
N ALA A 321 25.33 22.79 0.21
CA ALA A 321 24.32 23.16 -0.78
C ALA A 321 23.06 23.63 -0.08
N TYR A 322 22.68 22.91 0.98
CA TYR A 322 21.52 23.22 1.79
C TYR A 322 21.66 24.54 2.54
N ARG A 323 22.77 24.70 3.25
CA ARG A 323 23.17 25.99 3.82
C ARG A 323 23.06 27.18 2.84
N ASP A 324 23.78 27.08 1.72
CA ASP A 324 23.85 28.13 0.72
C ASP A 324 22.46 28.40 0.10
N LEU A 325 21.66 27.37 -0.12
CA LEU A 325 20.54 27.57 -1.05
C LEU A 325 19.15 27.43 -0.46
N GLY A 326 19.05 26.78 0.69
CA GLY A 326 17.74 26.54 1.28
C GLY A 326 16.99 27.83 1.53
N THR A 327 15.68 27.79 1.33
CA THR A 327 14.74 28.83 1.73
C THR A 327 14.80 29.16 3.24
N ARG A 328 14.68 30.45 3.59
CA ARG A 328 14.68 30.90 4.99
C ARG A 328 13.45 31.79 5.33
N GLY A 329 12.32 31.49 4.67
CA GLY A 329 11.07 32.21 4.88
C GLY A 329 10.22 31.42 5.84
N ASN A 330 9.00 31.12 5.41
CA ASN A 330 8.12 30.20 6.13
C ASN A 330 8.92 29.04 6.70
N ARG A 331 9.08 29.07 8.02
CA ARG A 331 9.76 28.06 8.80
C ARG A 331 9.30 26.63 8.47
N GLN A 332 8.07 26.51 7.97
CA GLN A 332 7.51 25.18 7.66
C GLN A 332 7.72 24.75 6.21
N LYS A 333 8.58 25.49 5.51
CA LYS A 333 9.01 25.13 4.17
C LYS A 333 10.54 25.20 4.04
N THR A 334 11.25 24.85 5.11
CA THR A 334 12.71 25.06 5.20
C THR A 334 13.49 23.75 5.30
N ARG A 335 12.80 22.65 5.61
CA ARG A 335 13.46 21.32 5.60
C ARG A 335 14.07 21.04 4.23
N MET A 336 15.19 20.33 4.21
CA MET A 336 15.93 20.19 2.94
C MET A 336 15.10 19.69 1.77
N MET A 337 14.07 18.86 2.02
CA MET A 337 13.23 18.31 0.94
C MET A 337 12.52 19.39 0.13
N TRP A 338 12.18 20.51 0.75
CA TRP A 338 11.63 21.65 0.02
C TRP A 338 12.59 22.20 -1.07
N LEU A 339 13.89 22.25 -0.77
CA LEU A 339 14.93 22.57 -1.76
C LEU A 339 15.00 21.52 -2.90
N VAL A 340 15.01 20.24 -2.53
CA VAL A 340 15.01 19.14 -3.52
C VAL A 340 13.80 19.20 -4.45
N ASP A 341 12.61 19.46 -3.91
CA ASP A 341 11.45 19.72 -4.75
C ASP A 341 11.56 20.99 -5.57
N GLU A 342 11.93 22.10 -4.94
CA GLU A 342 12.06 23.35 -5.70
C GLU A 342 13.05 23.29 -6.88
N LEU A 343 14.22 22.67 -6.70
CA LEU A 343 15.18 22.61 -7.80
C LEU A 343 15.00 21.36 -8.63
N GLY A 344 14.22 20.41 -8.12
CA GLY A 344 14.27 19.03 -8.60
C GLY A 344 15.51 18.35 -8.05
N VAL A 345 15.54 17.03 -8.11
CA VAL A 345 16.65 16.29 -7.57
C VAL A 345 17.89 16.43 -8.47
N GLU A 346 17.70 16.47 -9.78
CA GLU A 346 18.80 16.74 -10.71
C GLU A 346 19.41 18.13 -10.48
N GLY A 347 18.55 19.11 -10.20
CA GLY A 347 18.94 20.47 -9.89
C GLY A 347 19.70 20.52 -8.57
N PHE A 348 19.21 19.77 -7.59
CA PHE A 348 19.87 19.68 -6.27
C PHE A 348 21.19 18.93 -6.35
N ARG A 349 21.15 17.81 -7.06
CA ARG A 349 22.31 16.98 -7.33
C ARG A 349 23.44 17.81 -7.96
N ALA A 350 23.14 18.54 -9.03
CA ALA A 350 24.12 19.44 -9.65
C ALA A 350 24.76 20.42 -8.64
N GLU A 351 23.98 20.89 -7.66
CA GLU A 351 24.55 21.74 -6.59
C GLU A 351 25.46 20.98 -5.62
N VAL A 352 25.28 19.66 -5.53
CA VAL A 352 26.15 18.85 -4.71
C VAL A 352 27.48 18.58 -5.43
N VAL A 353 27.41 18.31 -6.73
CA VAL A 353 28.59 18.02 -7.56
C VAL A 353 29.57 19.17 -7.46
N LYS A 354 29.05 20.38 -7.65
CA LYS A 354 29.90 21.56 -7.70
C LYS A 354 30.62 21.91 -6.38
N ARG A 355 30.17 21.30 -5.26
CA ARG A 355 30.82 21.49 -3.94
C ARG A 355 31.63 20.25 -3.50
N MET A 356 31.75 19.29 -4.40
CA MET A 356 32.60 18.14 -4.21
C MET A 356 34.04 18.49 -4.63
N PRO A 357 35.03 17.88 -3.95
CA PRO A 357 36.40 18.09 -4.35
C PRO A 357 36.54 17.41 -5.68
N GLN A 358 36.99 18.10 -6.71
CA GLN A 358 37.13 17.40 -7.98
C GLN A 358 35.82 17.19 -8.76
N GLN A 359 34.74 17.86 -8.37
CA GLN A 359 33.52 18.01 -9.20
C GLN A 359 32.97 16.66 -9.65
N LYS A 360 33.04 15.67 -8.77
CA LYS A 360 32.67 14.31 -9.19
C LYS A 360 31.80 13.60 -8.17
N LEU A 361 30.68 13.09 -8.69
CA LEU A 361 29.74 12.31 -7.92
C LEU A 361 29.19 11.19 -8.79
N ASP A 362 29.68 9.98 -8.54
CA ASP A 362 29.21 8.78 -9.23
C ASP A 362 27.69 8.62 -9.17
N ARG A 363 27.12 8.10 -10.24
CA ARG A 363 25.72 7.76 -10.28
C ARG A 363 25.48 6.55 -9.37
N GLU A 364 24.23 6.38 -8.93
CA GLU A 364 23.85 5.29 -8.03
C GLU A 364 24.32 3.92 -8.51
N SER A 365 24.84 3.11 -7.61
CA SER A 365 25.10 1.74 -7.94
C SER A 365 23.81 0.95 -8.01
N THR A 366 23.74 0.06 -8.99
CA THR A 366 22.53 -0.67 -9.35
C THR A 366 22.03 -1.61 -8.26
N GLU A 367 22.97 -2.25 -7.57
CA GLU A 367 22.58 -3.25 -6.60
C GLU A 367 23.23 -3.00 -5.24
N ASP A 368 22.40 -2.69 -4.24
CA ASP A 368 22.87 -2.49 -2.87
C ASP A 368 22.96 -3.78 -2.04
N LEU A 369 23.49 -3.67 -0.84
CA LEU A 369 23.84 -4.85 -0.04
C LEU A 369 22.72 -5.25 0.92
N VAL A 370 21.70 -4.42 1.02
CA VAL A 370 20.57 -4.74 1.88
C VAL A 370 19.68 -5.85 1.29
N GLN A 371 19.55 -6.94 2.04
CA GLN A 371 18.61 -8.01 1.75
C GLN A 371 17.19 -7.48 1.85
N LYS A 372 16.55 -7.39 0.70
CA LYS A 372 15.23 -6.79 0.59
C LYS A 372 14.21 -7.60 1.40
N GLN A 373 14.51 -8.90 1.53
CA GLN A 373 13.69 -9.82 2.31
C GLN A 373 14.48 -10.28 3.52
N TRP A 374 14.26 -9.55 4.61
CA TRP A 374 14.91 -9.79 5.86
C TRP A 374 13.88 -9.48 6.94
N GLU A 375 13.65 -10.44 7.83
CA GLU A 375 12.78 -10.21 8.97
C GLU A 375 13.60 -9.50 10.06
N ARG A 376 13.14 -8.30 10.43
CA ARG A 376 13.79 -7.49 11.45
C ARG A 376 13.97 -8.32 12.71
N ARG A 377 15.19 -8.33 13.22
CA ARG A 377 15.48 -9.05 14.42
C ARG A 377 15.15 -8.23 15.66
N GLU A 378 14.70 -8.94 16.68
CA GLU A 378 14.59 -8.42 18.03
C GLU A 378 15.99 -8.37 18.65
N TYR A 379 16.28 -7.37 19.47
CA TYR A 379 17.61 -7.23 20.12
C TYR A 379 17.48 -7.21 21.64
N LEU A 380 16.26 -7.08 22.15
CA LEU A 380 16.00 -7.24 23.59
C LEU A 380 16.19 -8.71 23.93
N GLY A 381 16.77 -8.95 25.11
CA GLY A 381 17.17 -10.28 25.52
C GLY A 381 18.63 -10.56 25.25
N VAL A 382 19.03 -11.82 25.35
CA VAL A 382 20.43 -12.23 25.21
C VAL A 382 20.68 -12.89 23.84
N HIS A 383 21.68 -12.39 23.09
CA HIS A 383 21.90 -12.81 21.70
C HIS A 383 23.36 -13.05 21.38
N PRO A 384 23.66 -14.12 20.61
CA PRO A 384 25.09 -14.37 20.29
C PRO A 384 25.71 -13.24 19.49
N GLN A 385 26.94 -12.87 19.84
CA GLN A 385 27.68 -11.87 19.07
C GLN A 385 28.50 -12.52 17.94
N LYS A 386 29.00 -11.66 17.06
CA LYS A 386 29.91 -12.09 16.00
C LYS A 386 31.12 -12.82 16.64
N GLN A 387 31.62 -12.27 17.75
CA GLN A 387 32.77 -12.85 18.46
C GLN A 387 32.32 -14.10 19.23
N GLU A 388 33.09 -15.17 19.10
CA GLU A 388 32.72 -16.44 19.70
C GLU A 388 32.77 -16.40 21.23
N GLY A 389 31.75 -16.94 21.88
CA GLY A 389 31.66 -16.95 23.33
C GLY A 389 31.23 -15.62 23.98
N TYR A 390 30.68 -14.70 23.18
CA TYR A 390 30.19 -13.42 23.70
C TYR A 390 28.77 -13.21 23.25
N SER A 391 27.98 -12.51 24.08
CA SER A 391 26.59 -12.18 23.77
C SER A 391 26.38 -10.73 24.08
N PHE A 392 25.42 -10.12 23.39
CA PHE A 392 24.96 -8.79 23.79
C PHE A 392 23.65 -8.98 24.53
N VAL A 393 23.34 -8.09 25.48
CA VAL A 393 22.06 -8.21 26.15
C VAL A 393 21.26 -6.92 26.07
N GLY A 394 20.10 -7.02 25.43
CA GLY A 394 19.24 -5.89 25.22
C GLY A 394 18.27 -5.73 26.36
N LEU A 395 18.26 -4.53 26.95
CA LEU A 395 17.44 -4.23 28.15
C LEU A 395 16.31 -3.32 27.79
N HIS A 396 15.13 -3.59 28.32
CA HIS A 396 14.00 -2.74 28.00
C HIS A 396 14.02 -1.53 28.93
N ILE A 397 14.07 -0.32 28.37
CA ILE A 397 13.97 0.89 29.19
C ILE A 397 12.56 1.45 29.03
N PRO A 398 11.73 1.35 30.09
CA PRO A 398 10.37 1.85 29.97
C PRO A 398 10.25 3.32 29.54
N VAL A 399 9.82 3.51 28.29
CA VAL A 399 9.74 4.83 27.63
C VAL A 399 11.02 5.68 27.77
N GLY A 400 12.16 4.99 27.80
CA GLY A 400 13.47 5.63 27.71
C GLY A 400 13.89 6.46 28.89
N ARG A 401 13.14 6.39 29.99
CA ARG A 401 13.41 7.23 31.15
C ARG A 401 14.29 6.55 32.22
N VAL A 402 15.37 7.19 32.60
CA VAL A 402 16.27 6.60 33.58
C VAL A 402 16.53 7.62 34.68
N GLN A 403 16.81 7.15 35.88
CA GLN A 403 17.21 8.01 37.00
C GLN A 403 18.69 7.86 37.21
N ALA A 404 19.26 8.74 38.04
CA ALA A 404 20.69 8.74 38.38
C ALA A 404 21.18 7.37 38.84
N ASP A 405 20.40 6.73 39.72
CA ASP A 405 20.73 5.41 40.27
C ASP A 405 20.74 4.32 39.22
N ASP A 406 19.73 4.34 38.35
CA ASP A 406 19.69 3.48 37.18
C ASP A 406 20.93 3.63 36.30
N MET A 407 21.37 4.88 36.08
CA MET A 407 22.51 5.20 35.23
C MET A 407 23.80 4.68 35.81
N ASP A 408 23.98 4.91 37.12
CA ASP A 408 25.13 4.37 37.83
C ASP A 408 25.10 2.84 37.80
N GLU A 409 23.91 2.28 37.88
CA GLU A 409 23.84 0.82 37.89
C GLU A 409 24.15 0.27 36.49
N LEU A 410 23.54 0.88 35.47
CA LEU A 410 23.85 0.54 34.09
C LEU A 410 25.36 0.64 33.79
N ALA A 411 26.03 1.63 34.36
CA ALA A 411 27.45 1.82 34.12
C ALA A 411 28.29 0.74 34.79
N ARG A 412 27.92 0.39 36.03
CA ARG A 412 28.53 -0.75 36.72
C ARG A 412 28.29 -2.09 36.02
N LEU A 413 27.05 -2.38 35.65
CA LEU A 413 26.77 -3.61 34.90
C LEU A 413 27.59 -3.68 33.61
N ALA A 414 27.83 -2.53 32.97
CA ALA A 414 28.68 -2.52 31.78
C ALA A 414 30.10 -2.87 32.12
N ASP A 415 30.59 -2.44 33.28
CA ASP A 415 31.98 -2.71 33.62
C ASP A 415 32.16 -4.14 34.08
N GLU A 416 31.21 -4.58 34.90
CA GLU A 416 31.29 -5.86 35.58
C GLU A 416 31.06 -7.03 34.63
N TYR A 417 30.10 -6.86 33.71
CA TYR A 417 29.67 -7.94 32.84
C TYR A 417 30.04 -7.73 31.37
N GLY A 418 30.19 -6.46 30.97
CA GLY A 418 30.44 -6.09 29.57
C GLY A 418 31.86 -5.63 29.41
N SER A 419 32.07 -4.64 28.52
CA SER A 419 33.42 -4.06 28.30
C SER A 419 33.46 -2.57 28.70
N GLY A 420 32.52 -2.15 29.55
CA GLY A 420 32.38 -0.76 29.95
C GLY A 420 31.75 0.06 28.85
N GLU A 421 30.92 -0.58 28.04
CA GLU A 421 30.29 0.08 26.91
C GLU A 421 28.80 -0.21 26.96
N LEU A 422 28.00 0.76 26.50
CA LEU A 422 26.56 0.60 26.31
C LEU A 422 26.20 1.04 24.89
N ARG A 423 25.13 0.46 24.36
CA ARG A 423 24.62 0.80 23.06
C ARG A 423 23.18 1.26 23.21
N LEU A 424 22.92 2.53 22.93
CA LEU A 424 21.59 3.08 23.04
C LEU A 424 20.88 2.85 21.71
N THR A 425 19.54 2.74 21.74
CA THR A 425 18.76 2.47 20.54
C THR A 425 17.67 3.52 20.29
N VAL A 426 17.20 3.59 19.05
CA VAL A 426 16.14 4.54 18.65
C VAL A 426 14.72 4.13 19.10
N GLU A 427 14.59 2.94 19.71
CA GLU A 427 13.38 2.61 20.43
C GLU A 427 13.53 2.97 21.92
N GLN A 428 14.58 3.72 22.24
CA GLN A 428 14.81 4.22 23.59
C GLN A 428 15.14 3.07 24.58
N ASN A 429 15.91 2.09 24.10
CA ASN A 429 16.39 1.00 24.94
C ASN A 429 17.93 1.04 25.07
N ILE A 430 18.49 0.07 25.79
CA ILE A 430 19.95 0.00 26.00
C ILE A 430 20.44 -1.45 25.90
N ILE A 431 21.54 -1.65 25.18
CA ILE A 431 22.18 -2.95 25.06
C ILE A 431 23.49 -2.89 25.82
N ILE A 432 23.79 -3.92 26.59
CA ILE A 432 25.13 -4.11 27.11
C ILE A 432 25.80 -5.14 26.21
N PRO A 433 26.73 -4.70 25.35
CA PRO A 433 27.50 -5.59 24.47
C PRO A 433 28.69 -6.25 25.17
N ASN A 434 29.24 -7.29 24.57
CA ASN A 434 30.50 -7.86 25.04
C ASN A 434 30.45 -8.58 26.40
N VAL A 435 29.37 -9.31 26.64
CA VAL A 435 29.22 -10.09 27.85
C VAL A 435 29.71 -11.52 27.56
N LYS A 436 30.82 -11.92 28.18
CA LYS A 436 31.29 -13.30 28.12
C LYS A 436 30.14 -14.17 28.52
N ASN A 437 29.92 -15.27 27.79
CA ASN A 437 28.75 -16.11 28.01
C ASN A 437 28.64 -16.67 29.42
N SER A 438 29.79 -16.97 30.01
CA SER A 438 29.85 -17.46 31.39
C SER A 438 29.33 -16.49 32.47
N LYS A 439 29.16 -15.22 32.10
CA LYS A 439 28.73 -14.16 33.04
C LYS A 439 27.24 -13.81 32.93
N ILE A 440 26.57 -14.36 31.92
CA ILE A 440 25.22 -13.98 31.59
C ILE A 440 24.26 -14.25 32.76
N GLU A 441 24.33 -15.47 33.30
CA GLU A 441 23.40 -15.93 34.32
C GLU A 441 23.43 -15.06 35.58
N ALA A 442 24.65 -14.69 36.01
CA ALA A 442 24.80 -13.75 37.14
C ALA A 442 24.19 -12.39 36.83
N LEU A 443 24.46 -11.87 35.62
CA LEU A 443 23.87 -10.62 35.17
C LEU A 443 22.36 -10.72 35.26
N LEU A 444 21.80 -11.85 34.80
CA LEU A 444 20.34 -12.00 34.72
C LEU A 444 19.68 -11.88 36.07
N ASN A 445 20.46 -12.05 37.15
CA ASN A 445 19.91 -12.05 38.51
C ASN A 445 19.98 -10.68 39.19
N GLU A 446 20.60 -9.73 38.48
CA GLU A 446 20.83 -8.40 39.03
C GLU A 446 19.50 -7.73 39.28
N PRO A 447 19.33 -7.13 40.48
CA PRO A 447 18.07 -6.42 40.84
C PRO A 447 17.61 -5.41 39.78
N LEU A 448 18.55 -4.78 39.08
CA LEU A 448 18.18 -3.83 38.04
C LEU A 448 17.32 -4.49 36.94
N LEU A 449 17.70 -5.70 36.54
CA LEU A 449 16.99 -6.47 35.51
C LEU A 449 15.71 -7.10 36.04
N LYS A 450 15.62 -7.23 37.35
CA LYS A 450 14.41 -7.75 37.98
C LYS A 450 13.34 -6.66 38.06
N ASN A 451 13.75 -5.48 38.53
CA ASN A 451 12.81 -4.44 38.98
C ASN A 451 12.61 -3.25 38.04
N ARG A 452 13.56 -3.03 37.13
CA ARG A 452 13.43 -1.90 36.21
C ARG A 452 13.61 -2.25 34.75
N PHE A 453 14.77 -2.79 34.36
CA PHE A 453 15.07 -3.02 32.94
C PHE A 453 15.17 -4.52 32.52
N SER A 454 14.04 -5.05 32.06
CA SER A 454 13.84 -6.46 31.75
C SER A 454 14.44 -6.84 30.40
N THR A 455 15.13 -7.98 30.35
CA THR A 455 15.56 -8.55 29.07
C THR A 455 14.37 -9.11 28.30
N ASP A 456 13.24 -9.27 28.98
CA ASP A 456 12.08 -9.93 28.40
C ASP A 456 10.77 -9.26 28.83
N PRO A 457 10.56 -8.00 28.42
CA PRO A 457 9.34 -7.27 28.81
C PRO A 457 8.10 -7.89 28.16
N PRO A 458 6.89 -7.65 28.72
CA PRO A 458 5.67 -8.07 28.02
C PRO A 458 5.62 -7.62 26.55
N ILE A 459 5.13 -8.50 25.70
CA ILE A 459 5.10 -8.24 24.26
C ILE A 459 4.82 -6.77 23.83
N LEU A 460 3.74 -6.17 24.30
CA LEU A 460 3.39 -4.79 23.91
C LEU A 460 4.33 -3.68 24.40
N MET A 461 5.00 -3.93 25.51
CA MET A 461 5.99 -3.00 26.07
C MET A 461 7.31 -2.99 25.28
N LYS A 462 7.70 -4.15 24.75
CA LYS A 462 8.97 -4.30 24.03
C LYS A 462 9.27 -3.12 23.11
N ASN A 463 8.27 -2.77 22.32
CA ASN A 463 8.43 -1.83 21.24
C ASN A 463 7.65 -0.55 21.45
N LEU A 464 7.30 -0.25 22.71
CA LEU A 464 6.55 0.97 22.99
C LEU A 464 7.53 2.16 23.03
N VAL A 465 7.24 3.16 22.21
CA VAL A 465 8.07 4.35 22.12
C VAL A 465 7.25 5.60 22.46
N ALA A 466 7.84 6.50 23.23
CA ALA A 466 7.15 7.73 23.61
C ALA A 466 8.08 8.92 23.77
N CYS A 467 7.69 10.02 23.12
CA CYS A 467 8.43 11.28 23.18
C CYS A 467 8.27 11.92 24.55
N THR A 468 9.14 12.86 24.85
CA THR A 468 9.10 13.64 26.11
C THR A 468 7.70 13.93 26.68
N GLY A 469 6.84 14.53 25.86
CA GLY A 469 5.49 14.93 26.28
C GLY A 469 5.47 16.16 27.17
N ASN A 470 4.27 16.54 27.63
CA ASN A 470 4.12 17.79 28.39
C ASN A 470 4.69 17.80 29.82
N GLN A 471 5.32 16.70 30.25
CA GLN A 471 6.05 16.73 31.52
C GLN A 471 7.14 17.79 31.43
N PHE A 472 7.76 17.91 30.25
CA PHE A 472 8.82 18.89 30.06
C PHE A 472 8.75 19.65 28.75
N CYS A 473 8.13 19.08 27.72
CA CYS A 473 8.12 19.73 26.43
C CYS A 473 7.05 20.84 26.29
N GLY A 474 7.52 22.08 26.11
CA GLY A 474 6.61 23.21 26.05
C GLY A 474 5.76 23.19 24.80
N LYS A 475 6.16 22.40 23.82
CA LYS A 475 5.39 22.32 22.57
C LYS A 475 4.31 21.21 22.61
N ALA A 476 4.41 20.33 23.61
CA ALA A 476 3.43 19.25 23.87
C ALA A 476 2.04 19.70 24.18
N ILE A 477 1.09 18.97 23.63
CA ILE A 477 -0.32 19.15 23.87
C ILE A 477 -0.79 18.14 24.91
N ILE A 478 -0.08 17.02 25.03
CA ILE A 478 -0.49 15.93 25.92
C ILE A 478 0.70 15.35 26.72
N GLU A 479 0.38 14.59 27.76
CA GLU A 479 1.35 13.82 28.53
C GLU A 479 1.50 12.46 27.84
N THR A 480 2.73 12.08 27.56
CA THR A 480 2.99 10.88 26.76
C THR A 480 3.57 9.75 27.59
N LYS A 481 4.74 9.96 28.21
CA LYS A 481 5.48 8.89 28.84
C LYS A 481 4.67 8.09 29.88
N ALA A 482 4.18 8.74 30.95
CA ALA A 482 3.37 8.03 31.94
C ALA A 482 2.10 7.42 31.33
N ARG A 483 1.35 8.22 30.56
CA ARG A 483 0.09 7.74 30.00
C ARG A 483 0.25 6.52 29.08
N SER A 484 1.26 6.54 28.19
CA SER A 484 1.47 5.45 27.25
C SER A 484 1.70 4.13 27.98
N MET A 485 2.55 4.17 29.02
CA MET A 485 2.72 3.00 29.89
C MET A 485 1.42 2.52 30.54
N LYS A 486 0.64 3.45 31.11
CA LYS A 486 -0.63 3.11 31.73
C LYS A 486 -1.63 2.50 30.72
N ILE A 487 -1.79 3.13 29.57
CA ILE A 487 -2.71 2.62 28.53
C ILE A 487 -2.29 1.26 27.95
N THR A 488 -0.99 1.05 27.80
CA THR A 488 -0.44 -0.21 27.30
C THR A 488 -0.57 -1.32 28.33
N GLU A 489 -0.33 -1.00 29.60
CA GLU A 489 -0.58 -1.96 30.67
C GLU A 489 -2.03 -2.42 30.68
N GLU A 490 -2.98 -1.48 30.57
CA GLU A 490 -4.40 -1.87 30.53
C GLU A 490 -4.70 -2.69 29.27
N VAL A 491 -4.11 -2.31 28.14
CA VAL A 491 -4.33 -3.01 26.87
C VAL A 491 -3.84 -4.46 26.92
N GLN A 492 -2.66 -4.71 27.47
CA GLN A 492 -2.14 -6.07 27.44
C GLN A 492 -2.92 -7.01 28.37
N LEU A 493 -3.40 -6.49 29.49
CA LEU A 493 -4.37 -7.19 30.34
C LEU A 493 -5.59 -7.71 29.57
N LEU A 494 -5.94 -7.05 28.48
CA LEU A 494 -7.14 -7.39 27.68
C LEU A 494 -6.92 -8.30 26.45
N VAL A 495 -5.66 -8.56 26.09
CA VAL A 495 -5.40 -9.33 24.88
C VAL A 495 -4.33 -10.42 25.05
N SER A 496 -4.48 -11.48 24.26
CA SER A 496 -3.40 -12.40 23.94
C SER A 496 -2.92 -11.97 22.58
N ILE A 497 -1.65 -11.58 22.49
CA ILE A 497 -1.10 -11.17 21.20
C ILE A 497 0.28 -11.79 20.98
N THR A 498 0.60 -12.15 19.73
CA THR A 498 1.92 -12.70 19.47
C THR A 498 2.87 -11.76 18.72
N GLN A 499 2.36 -11.10 17.68
CA GLN A 499 3.13 -10.10 16.92
C GLN A 499 3.58 -8.97 17.84
N PRO A 500 4.84 -8.53 17.68
CA PRO A 500 5.40 -7.54 18.60
C PRO A 500 5.09 -6.09 18.19
N VAL A 501 3.80 -5.79 17.99
CA VAL A 501 3.28 -4.50 17.51
C VAL A 501 4.06 -3.29 18.03
N ARG A 502 4.50 -2.47 17.08
CA ARG A 502 5.24 -1.24 17.41
C ARG A 502 4.27 -0.06 17.66
N MET A 503 4.26 0.43 18.89
CA MET A 503 3.33 1.50 19.25
C MET A 503 4.06 2.77 19.69
N HIS A 504 3.75 3.85 18.98
CA HIS A 504 4.44 5.13 19.10
C HIS A 504 3.49 6.25 19.60
N TRP A 505 3.91 6.92 20.67
CA TRP A 505 3.15 8.02 21.27
C TRP A 505 3.91 9.35 21.20
N THR A 506 3.37 10.29 20.43
CA THR A 506 4.02 11.59 20.25
C THR A 506 3.12 12.73 20.80
N GLY A 507 3.71 13.72 21.46
CA GLY A 507 2.92 14.76 22.16
C GLY A 507 2.29 15.86 21.32
N CYS A 508 2.75 16.02 20.09
CA CYS A 508 2.24 17.04 19.19
C CYS A 508 2.65 16.68 17.76
N PRO A 509 2.15 17.43 16.75
CA PRO A 509 2.42 17.17 15.31
C PRO A 509 3.88 17.19 14.82
N ASN A 510 4.84 17.57 15.67
CA ASN A 510 6.26 17.49 15.34
C ASN A 510 6.72 16.07 15.05
N SER A 511 6.08 15.14 15.76
CA SER A 511 6.21 13.70 15.54
C SER A 511 7.63 13.20 15.81
N CYS A 512 8.17 13.64 16.95
CA CYS A 512 9.49 13.22 17.44
C CYS A 512 9.55 11.73 17.75
N ALA A 513 8.39 11.19 18.14
CA ALA A 513 8.25 9.73 18.33
C ALA A 513 7.76 9.05 17.05
N GLN A 514 7.87 9.74 15.93
CA GLN A 514 7.78 9.09 14.62
C GLN A 514 6.50 8.24 14.44
N VAL A 515 5.33 8.83 14.71
CA VAL A 515 4.11 8.01 14.74
C VAL A 515 3.71 7.47 13.37
N GLN A 516 4.21 8.10 12.32
CA GLN A 516 3.92 7.67 10.96
C GLN A 516 4.64 6.38 10.56
N VAL A 517 5.57 5.89 11.37
CA VAL A 517 6.20 4.59 11.10
C VAL A 517 5.67 3.48 12.02
N ALA A 518 4.80 3.84 12.95
CA ALA A 518 4.26 2.88 13.91
C ALA A 518 3.17 2.03 13.31
N ASP A 519 3.00 0.81 13.87
CA ASP A 519 1.84 -0.04 13.51
C ASP A 519 0.57 0.66 13.96
N ILE A 520 0.56 1.07 15.24
CA ILE A 520 -0.40 2.06 15.76
C ILE A 520 0.34 3.26 16.36
N GLY A 521 -0.01 4.45 15.87
CA GLY A 521 0.58 5.68 16.40
C GLY A 521 -0.45 6.58 17.05
N PHE A 522 -0.01 7.34 18.05
CA PHE A 522 -0.83 8.31 18.74
C PHE A 522 -0.17 9.70 18.74
N MET A 523 -0.83 10.67 18.12
CA MET A 523 -0.35 12.04 18.05
C MET A 523 -1.26 12.99 18.85
N GLY A 524 -0.71 13.48 19.96
CA GLY A 524 -1.38 14.41 20.87
C GLY A 524 -2.09 15.57 20.22
N CYS A 525 -3.31 15.81 20.70
CA CYS A 525 -4.15 16.94 20.28
C CYS A 525 -5.08 17.25 21.44
N LEU A 526 -5.77 18.38 21.36
CA LEU A 526 -6.82 18.65 22.32
C LEU A 526 -8.16 18.24 21.73
N THR A 527 -9.01 17.63 22.54
CA THR A 527 -10.35 17.28 22.07
C THR A 527 -11.45 17.58 23.09
N ARG A 528 -12.65 17.11 22.79
CA ARG A 528 -13.82 17.29 23.64
C ARG A 528 -14.35 15.94 24.12
N LYS A 529 -14.56 15.83 25.42
CA LYS A 529 -15.17 14.66 26.02
C LYS A 529 -16.66 14.91 26.18
N GLU A 530 -17.05 15.30 27.39
CA GLU A 530 -18.43 15.63 27.69
C GLU A 530 -18.45 17.15 27.93
N GLY A 531 -18.23 17.89 26.84
CA GLY A 531 -18.15 19.36 26.91
C GLY A 531 -16.81 19.91 27.42
N LYS A 532 -16.10 19.13 28.24
CA LYS A 532 -14.78 19.52 28.77
C LYS A 532 -13.71 19.35 27.70
N THR A 533 -12.74 20.26 27.71
CA THR A 533 -11.58 20.18 26.83
C THR A 533 -10.56 19.19 27.43
N VAL A 534 -10.27 18.10 26.71
CA VAL A 534 -9.36 17.06 27.24
C VAL A 534 -8.16 16.73 26.33
N GLU A 535 -7.14 16.11 26.94
CA GLU A 535 -6.02 15.51 26.22
C GLU A 535 -6.56 14.35 25.37
N GLY A 536 -6.39 14.43 24.06
CA GLY A 536 -6.76 13.36 23.14
C GLY A 536 -5.65 13.00 22.17
N ALA A 537 -5.93 12.10 21.23
CA ALA A 537 -4.97 11.66 20.21
C ALA A 537 -5.59 11.32 18.87
N ASP A 538 -4.90 11.74 17.80
CA ASP A 538 -5.09 11.18 16.47
C ASP A 538 -4.43 9.81 16.47
N VAL A 539 -5.17 8.82 15.98
CA VAL A 539 -4.70 7.42 15.96
C VAL A 539 -4.27 7.06 14.55
N TYR A 540 -3.00 6.70 14.40
CA TYR A 540 -2.43 6.33 13.10
C TYR A 540 -2.40 4.80 12.92
N LEU A 541 -2.58 4.33 11.69
CA LEU A 541 -2.48 2.90 11.42
C LEU A 541 -1.62 2.64 10.19
N GLY A 542 -0.81 1.58 10.25
CA GLY A 542 -0.21 1.00 9.05
C GLY A 542 1.09 1.58 8.55
N GLY A 543 1.80 2.28 9.42
CA GLY A 543 3.17 2.67 9.12
C GLY A 543 3.99 1.40 9.14
N ARG A 544 4.99 1.34 8.26
CA ARG A 544 5.90 0.19 8.24
C ARG A 544 7.35 0.66 8.31
N ILE A 545 8.20 -0.13 8.94
CA ILE A 545 9.63 0.12 8.91
C ILE A 545 10.31 -0.94 8.05
N GLY A 546 11.63 -0.90 7.92
CA GLY A 546 12.34 -1.90 7.09
C GLY A 546 12.38 -1.52 5.61
N SER A 547 12.61 -2.52 4.74
CA SER A 547 12.72 -2.30 3.29
C SER A 547 11.38 -2.00 2.65
N ASP A 548 10.32 -2.55 3.25
CA ASP A 548 8.96 -2.30 2.77
C ASP A 548 8.28 -1.24 3.66
N SER A 549 8.97 -0.12 3.85
CA SER A 549 8.50 0.88 4.78
C SER A 549 7.33 1.67 4.19
N HIS A 550 6.56 2.30 5.07
CA HIS A 550 5.33 3.00 4.71
C HIS A 550 5.02 4.04 5.78
N LEU A 551 4.49 5.18 5.34
CA LEU A 551 3.96 6.14 6.28
C LEU A 551 2.47 5.87 6.50
N GLY A 552 2.09 5.59 7.75
CA GLY A 552 0.69 5.35 8.10
C GLY A 552 -0.07 6.66 8.03
N ASP A 553 -1.39 6.58 7.84
CA ASP A 553 -2.22 7.77 7.91
C ASP A 553 -3.22 7.69 9.08
N VAL A 554 -3.93 8.79 9.33
CA VAL A 554 -4.86 8.88 10.45
C VAL A 554 -5.97 7.86 10.30
N TYR A 555 -6.21 7.10 11.36
CA TYR A 555 -7.31 6.14 11.38
C TYR A 555 -8.55 6.78 12.01
N LYS A 556 -8.38 7.36 13.21
CA LYS A 556 -9.42 8.16 13.86
C LYS A 556 -8.88 9.51 14.40
N LYS A 557 -9.60 10.60 14.14
CA LYS A 557 -9.20 11.92 14.63
C LYS A 557 -9.61 12.19 16.09
N SER A 558 -8.84 13.05 16.74
CA SER A 558 -9.15 13.60 18.09
C SER A 558 -9.97 12.76 19.04
N VAL A 559 -9.45 11.56 19.34
CA VAL A 559 -10.05 10.63 20.29
C VAL A 559 -9.61 11.02 21.69
N PRO A 560 -10.57 11.25 22.64
CA PRO A 560 -10.17 11.52 24.03
C PRO A 560 -9.32 10.36 24.52
N CYS A 561 -8.24 10.66 25.24
CA CYS A 561 -7.31 9.63 25.67
C CYS A 561 -7.97 8.55 26.55
N GLU A 562 -9.03 8.92 27.29
CA GLU A 562 -9.80 7.97 28.14
C GLU A 562 -10.59 6.96 27.33
N ASP A 563 -10.75 7.22 26.04
CA ASP A 563 -11.49 6.32 25.16
C ASP A 563 -10.58 5.46 24.31
N LEU A 564 -9.28 5.46 24.62
CA LEU A 564 -8.30 4.86 23.72
C LEU A 564 -8.19 3.35 23.80
N VAL A 565 -8.35 2.79 25.00
CA VAL A 565 -8.16 1.36 25.22
C VAL A 565 -9.07 0.49 24.31
N PRO A 566 -10.40 0.71 24.32
CA PRO A 566 -11.23 -0.16 23.45
C PRO A 566 -10.89 -0.07 21.97
N ILE A 567 -10.50 1.12 21.51
CA ILE A 567 -10.15 1.35 20.11
C ILE A 567 -8.87 0.60 19.74
N ILE A 568 -7.89 0.62 20.66
CA ILE A 568 -6.61 -0.07 20.47
C ILE A 568 -6.78 -1.59 20.44
N VAL A 569 -7.60 -2.10 21.36
CA VAL A 569 -7.93 -3.54 21.39
C VAL A 569 -8.54 -3.99 20.06
N ASP A 570 -9.57 -3.30 19.58
CA ASP A 570 -10.11 -3.60 18.25
C ASP A 570 -9.02 -3.56 17.17
N LEU A 571 -8.15 -2.55 17.21
CA LEU A 571 -7.10 -2.44 16.20
C LEU A 571 -6.13 -3.61 16.26
N LEU A 572 -5.77 -4.04 17.48
CA LEU A 572 -4.95 -5.24 17.68
C LEU A 572 -5.68 -6.50 17.21
N VAL A 573 -6.92 -6.66 17.65
CA VAL A 573 -7.72 -7.81 17.27
C VAL A 573 -7.98 -7.85 15.75
N ASP A 574 -8.18 -6.70 15.12
CA ASP A 574 -8.58 -6.62 13.71
C ASP A 574 -7.43 -6.70 12.70
N ASN A 575 -6.24 -6.26 13.12
CA ASN A 575 -5.15 -6.06 12.16
C ASN A 575 -3.91 -6.84 12.52
N PHE A 576 -3.70 -7.12 13.81
CA PHE A 576 -2.43 -7.67 14.30
C PHE A 576 -2.51 -9.01 15.05
N GLY A 577 -3.57 -9.78 14.78
CA GLY A 577 -3.63 -11.17 15.19
C GLY A 577 -4.07 -11.42 16.63
N ALA A 578 -4.40 -10.36 17.36
CA ALA A 578 -4.77 -10.48 18.77
C ALA A 578 -6.12 -11.17 19.00
N VAL A 579 -6.22 -11.84 20.15
CA VAL A 579 -7.39 -12.58 20.60
C VAL A 579 -7.85 -11.98 21.95
N PRO A 580 -9.12 -11.51 22.03
CA PRO A 580 -9.69 -10.77 23.17
C PRO A 580 -9.54 -11.39 24.57
N ARG A 581 -10.31 -10.88 25.54
CA ARG A 581 -10.01 -11.11 26.96
C ARG A 581 -9.11 -12.31 27.24
N GLU B 47 -14.14 10.56 -45.08
CA GLU B 47 -14.89 11.38 -44.07
C GLU B 47 -15.30 10.47 -42.91
N ARG B 48 -16.10 9.45 -43.20
CA ARG B 48 -16.48 8.44 -42.21
C ARG B 48 -15.29 7.69 -41.63
N LEU B 49 -14.25 7.50 -42.45
CA LEU B 49 -13.05 6.72 -42.03
C LEU B 49 -11.91 7.53 -41.39
N GLU B 50 -12.15 8.81 -41.11
CA GLU B 50 -11.21 9.58 -40.28
C GLU B 50 -11.33 9.17 -38.81
N PRO B 51 -10.20 8.87 -38.14
CA PRO B 51 -10.35 8.55 -36.71
C PRO B 51 -11.04 9.68 -35.91
N ARG B 52 -11.92 9.31 -35.00
CA ARG B 52 -12.69 10.29 -34.22
C ARG B 52 -11.88 10.82 -33.06
N VAL B 53 -10.96 9.99 -32.57
CA VAL B 53 -10.07 10.36 -31.47
C VAL B 53 -8.64 10.53 -31.98
N GLU B 54 -7.78 11.14 -31.17
CA GLU B 54 -6.36 11.28 -31.49
C GLU B 54 -5.49 11.40 -30.24
N GLU B 55 -4.21 11.07 -30.41
CA GLU B 55 -3.20 11.05 -29.34
C GLU B 55 -2.86 12.48 -28.89
N LYS B 56 -3.00 12.73 -27.62
CA LYS B 56 -2.76 14.07 -27.08
C LYS B 56 -2.17 13.91 -25.68
N ASP B 57 -0.89 14.21 -25.57
CA ASP B 57 -0.14 14.15 -24.32
C ASP B 57 -0.17 12.78 -23.61
N GLY B 58 -0.18 11.71 -24.39
CA GLY B 58 -0.22 10.37 -23.82
C GLY B 58 -1.58 9.67 -23.76
N TYR B 59 -2.65 10.42 -24.01
CA TYR B 59 -4.02 9.90 -23.93
C TYR B 59 -4.69 10.11 -25.26
N TRP B 60 -5.85 9.48 -25.41
CA TRP B 60 -6.60 9.56 -26.65
C TRP B 60 -7.91 10.28 -26.37
N VAL B 61 -8.07 11.40 -27.05
CA VAL B 61 -9.15 12.33 -26.80
C VAL B 61 -9.99 12.53 -28.06
N LEU B 62 -11.31 12.66 -27.87
CA LEU B 62 -12.25 12.98 -28.94
C LEU B 62 -11.96 14.31 -29.60
N LYS B 63 -11.81 14.30 -30.92
CA LYS B 63 -11.52 15.53 -31.67
C LYS B 63 -12.67 16.56 -31.60
N GLU B 64 -12.31 17.85 -31.68
CA GLU B 64 -13.26 18.94 -31.53
C GLU B 64 -14.31 18.90 -32.64
N LYS B 65 -13.98 18.30 -33.77
CA LYS B 65 -14.96 18.23 -34.87
C LYS B 65 -15.96 17.09 -34.70
N PHE B 66 -15.81 16.30 -33.63
CA PHE B 66 -16.71 15.17 -33.42
C PHE B 66 -17.51 15.25 -32.13
N ARG B 67 -18.06 16.43 -31.84
CA ARG B 67 -18.75 16.61 -30.56
C ARG B 67 -20.27 16.59 -30.66
N GLN B 68 -20.79 16.66 -31.88
CA GLN B 68 -22.22 16.59 -32.13
C GLN B 68 -22.90 15.32 -31.60
N GLY B 69 -23.88 15.50 -30.72
CA GLY B 69 -24.73 14.42 -30.21
C GLY B 69 -24.07 13.43 -29.27
N ILE B 70 -22.86 13.74 -28.81
CA ILE B 70 -22.15 12.77 -28.00
C ILE B 70 -22.84 12.58 -26.65
N ASN B 71 -22.76 11.36 -26.12
CA ASN B 71 -23.45 11.00 -24.89
C ASN B 71 -22.71 11.50 -23.65
N PRO B 72 -23.39 11.51 -22.48
CA PRO B 72 -22.82 11.94 -21.20
C PRO B 72 -21.52 11.24 -20.79
N ALA B 73 -21.34 9.98 -21.18
CA ALA B 73 -20.11 9.25 -20.91
C ALA B 73 -18.94 9.88 -21.67
N GLU B 74 -19.18 10.22 -22.93
CA GLU B 74 -18.17 10.85 -23.77
C GLU B 74 -17.82 12.23 -23.21
N LYS B 75 -18.83 12.92 -22.68
CA LYS B 75 -18.62 14.22 -22.10
C LYS B 75 -17.66 14.17 -20.90
N ALA B 76 -17.88 13.19 -20.01
CA ALA B 76 -17.03 12.96 -18.83
C ALA B 76 -15.59 12.58 -19.17
N LYS B 77 -15.43 11.80 -20.23
CA LYS B 77 -14.07 11.41 -20.65
C LYS B 77 -13.33 12.64 -21.16
N ILE B 78 -14.04 13.52 -21.87
CA ILE B 78 -13.44 14.75 -22.36
C ILE B 78 -12.98 15.61 -21.20
N GLU B 79 -13.89 15.91 -20.28
CA GLU B 79 -13.60 16.76 -19.14
C GLU B 79 -12.36 16.37 -18.34
N LYS B 80 -12.11 15.07 -18.24
CA LYS B 80 -10.88 14.54 -17.64
C LYS B 80 -10.64 13.10 -18.10
N GLU B 81 -9.46 12.84 -18.67
CA GLU B 81 -9.11 11.46 -19.06
C GLU B 81 -8.97 10.59 -17.82
N PRO B 82 -9.81 9.53 -17.72
CA PRO B 82 -9.87 8.70 -16.53
C PRO B 82 -8.56 8.05 -16.15
N MET B 83 -7.69 7.77 -17.12
CA MET B 83 -6.42 7.07 -16.84
C MET B 83 -5.40 7.88 -16.03
N LYS B 84 -5.59 9.19 -15.94
CA LYS B 84 -4.76 10.10 -15.12
C LYS B 84 -4.89 9.77 -13.67
N LEU B 85 -6.02 9.17 -13.28
CA LEU B 85 -6.25 8.79 -11.89
C LEU B 85 -5.21 7.76 -11.43
N PHE B 86 -4.77 6.94 -12.37
CA PHE B 86 -3.78 5.90 -12.09
C PHE B 86 -2.40 6.31 -12.54
N MET B 87 -2.30 6.86 -13.74
CA MET B 87 -1.01 7.01 -14.34
C MET B 87 -0.31 8.29 -13.93
N GLU B 88 -1.07 9.26 -13.40
CA GLU B 88 -0.49 10.44 -12.77
C GLU B 88 -0.80 10.33 -11.30
N ASN B 89 -0.99 9.10 -10.86
CA ASN B 89 -1.33 8.77 -9.49
C ASN B 89 -2.40 9.66 -8.87
N GLY B 90 -3.34 10.13 -9.68
CA GLY B 90 -4.42 11.02 -9.23
C GLY B 90 -5.23 10.51 -8.05
N ILE B 91 -5.27 9.19 -7.89
CA ILE B 91 -6.10 8.54 -6.85
C ILE B 91 -5.56 8.81 -5.45
N GLU B 92 -4.26 9.02 -5.35
CA GLU B 92 -3.64 9.31 -4.06
C GLU B 92 -4.10 10.63 -3.45
N ASP B 93 -4.41 11.62 -4.29
CA ASP B 93 -4.97 12.90 -3.83
C ASP B 93 -6.44 12.71 -3.47
N LEU B 94 -7.21 12.23 -4.46
CA LEU B 94 -8.62 11.87 -4.33
C LEU B 94 -8.88 11.02 -3.09
N ALA B 95 -7.93 10.16 -2.74
CA ALA B 95 -8.03 9.28 -1.58
C ALA B 95 -7.98 9.98 -0.22
N LYS B 96 -7.76 11.29 -0.22
CA LYS B 96 -7.67 12.07 1.03
C LYS B 96 -8.81 13.06 1.15
N ILE B 97 -9.41 13.44 0.02
CA ILE B 97 -10.56 14.35 0.03
C ILE B 97 -11.69 13.66 0.80
N SER B 98 -12.46 14.42 1.59
CA SER B 98 -13.61 13.86 2.30
C SER B 98 -14.60 13.40 1.24
N LEU B 99 -15.48 12.47 1.57
CA LEU B 99 -16.57 12.12 0.66
C LEU B 99 -17.43 13.33 0.31
N GLU B 100 -17.86 14.06 1.34
CA GLU B 100 -18.79 15.18 1.20
C GLU B 100 -18.22 16.35 0.40
N GLU B 101 -16.89 16.51 0.46
CA GLU B 101 -16.22 17.47 -0.41
C GLU B 101 -16.23 17.04 -1.88
N ILE B 102 -15.89 15.77 -2.13
CA ILE B 102 -15.99 15.15 -3.47
C ILE B 102 -17.38 15.35 -4.08
N GLU B 103 -18.39 15.37 -3.23
CA GLU B 103 -19.77 15.52 -3.65
C GLU B 103 -20.08 16.90 -4.13
N GLY B 104 -19.23 17.85 -3.73
CA GLY B 104 -19.38 19.27 -4.02
C GLY B 104 -19.35 19.63 -5.50
N SER B 105 -18.37 19.10 -6.26
CA SER B 105 -18.32 19.36 -7.72
C SER B 105 -18.61 18.15 -8.61
N LYS B 106 -19.06 18.46 -9.83
CA LYS B 106 -19.37 17.46 -10.83
C LYS B 106 -18.13 16.65 -11.23
N LEU B 107 -16.99 17.32 -11.26
CA LEU B 107 -15.75 16.69 -11.70
C LEU B 107 -15.33 15.53 -10.79
N THR B 108 -15.36 15.76 -9.48
CA THR B 108 -14.94 14.77 -8.50
C THR B 108 -16.00 13.70 -8.28
N LYS B 109 -17.24 14.07 -8.55
CA LYS B 109 -18.36 13.18 -8.42
C LYS B 109 -18.27 12.21 -9.59
N ASP B 110 -17.92 12.72 -10.77
CA ASP B 110 -17.60 11.87 -11.92
C ASP B 110 -16.32 11.06 -11.70
N ASP B 111 -15.35 11.62 -10.96
CA ASP B 111 -14.16 10.84 -10.63
C ASP B 111 -14.53 9.49 -9.98
N ILE B 112 -15.37 9.55 -8.94
CA ILE B 112 -15.69 8.39 -8.13
C ILE B 112 -16.82 7.55 -8.71
N ASP B 113 -17.74 8.18 -9.44
CA ASP B 113 -18.89 7.49 -9.97
C ASP B 113 -18.63 6.85 -11.35
N VAL B 114 -17.64 7.38 -12.07
CA VAL B 114 -17.37 6.99 -13.45
C VAL B 114 -15.89 6.64 -13.68
N ARG B 115 -15.02 7.60 -13.43
CA ARG B 115 -13.64 7.51 -13.88
C ARG B 115 -12.85 6.43 -13.15
N LEU B 116 -13.30 6.10 -11.94
CA LEU B 116 -12.62 5.11 -11.12
C LEU B 116 -12.82 3.68 -11.64
N LYS B 117 -13.83 3.46 -12.48
CA LYS B 117 -14.02 2.14 -13.13
C LYS B 117 -12.84 1.71 -14.02
N TRP B 118 -12.04 2.69 -14.49
CA TRP B 118 -10.75 2.43 -15.17
C TRP B 118 -9.63 1.94 -14.22
N LEU B 119 -9.87 2.05 -12.91
CA LEU B 119 -8.97 1.44 -11.93
C LEU B 119 -9.70 0.28 -11.27
N GLY B 120 -10.83 -0.12 -11.86
CA GLY B 120 -11.58 -1.29 -11.41
C GLY B 120 -12.40 -1.06 -10.16
N LEU B 121 -12.69 0.22 -9.90
CA LEU B 121 -13.41 0.68 -8.68
C LEU B 121 -14.81 1.19 -9.04
N PHE B 122 -15.82 0.52 -8.48
CA PHE B 122 -17.21 0.74 -8.80
C PHE B 122 -17.97 1.25 -7.56
N HIS B 123 -18.28 2.55 -7.53
CA HIS B 123 -19.00 3.17 -6.43
C HIS B 123 -20.45 2.73 -6.41
N ARG B 124 -20.83 2.11 -5.30
CA ARG B 124 -22.20 1.66 -5.07
C ARG B 124 -22.92 2.77 -4.35
N ARG B 125 -23.31 3.79 -5.13
CA ARG B 125 -23.91 5.00 -4.62
C ARG B 125 -25.22 4.66 -3.93
N LYS B 126 -26.04 3.87 -4.63
CA LYS B 126 -27.37 3.60 -4.19
C LYS B 126 -27.47 2.57 -3.03
N HIS B 127 -26.62 1.55 -3.01
CA HIS B 127 -26.87 0.45 -2.07
C HIS B 127 -25.78 0.25 -1.04
N HIS B 128 -24.66 0.94 -1.26
CA HIS B 128 -23.53 0.84 -0.36
C HIS B 128 -22.75 2.18 -0.40
N TYR B 129 -23.47 3.29 -0.19
CA TYR B 129 -22.88 4.64 -0.31
C TYR B 129 -21.50 4.79 0.35
N GLY B 130 -20.56 5.39 -0.39
CA GLY B 130 -19.23 5.66 0.14
C GLY B 130 -18.30 4.47 0.02
N ARG B 131 -18.86 3.35 -0.45
CA ARG B 131 -18.13 2.09 -0.56
C ARG B 131 -18.06 1.60 -2.01
N PHE B 132 -17.03 0.81 -2.27
CA PHE B 132 -16.68 0.39 -3.64
C PHE B 132 -16.62 -1.12 -3.80
N MET B 133 -17.26 -1.59 -4.87
CA MET B 133 -16.90 -2.87 -5.42
C MET B 133 -15.56 -2.71 -6.22
N MET B 134 -14.67 -3.72 -6.11
CA MET B 134 -13.41 -3.73 -6.86
C MET B 134 -13.26 -5.01 -7.71
N ARG B 135 -12.90 -4.82 -8.98
CA ARG B 135 -12.92 -5.85 -10.01
C ARG B 135 -11.59 -5.94 -10.73
N LEU B 136 -11.06 -7.16 -10.83
CA LEU B 136 -9.73 -7.42 -11.38
C LEU B 136 -9.66 -7.61 -12.91
N LYS B 137 -8.43 -7.71 -13.42
CA LYS B 137 -8.15 -8.51 -14.61
C LYS B 137 -7.72 -9.84 -14.02
N LEU B 138 -8.34 -10.93 -14.44
CA LEU B 138 -7.94 -12.24 -13.97
C LEU B 138 -8.01 -13.14 -15.19
N PRO B 139 -7.08 -12.97 -16.14
CA PRO B 139 -7.18 -13.62 -17.44
C PRO B 139 -7.35 -15.13 -17.26
N ASN B 140 -8.37 -15.70 -17.92
CA ASN B 140 -8.53 -17.17 -17.93
C ASN B 140 -8.94 -17.74 -16.58
N GLY B 141 -9.34 -16.88 -15.62
CA GLY B 141 -9.88 -17.33 -14.31
C GLY B 141 -8.87 -17.89 -13.31
N VAL B 142 -7.57 -17.74 -13.60
CA VAL B 142 -6.52 -18.30 -12.72
C VAL B 142 -6.15 -17.41 -11.51
N THR B 143 -6.41 -17.89 -10.28
CA THR B 143 -5.82 -17.24 -9.08
C THR B 143 -4.86 -18.16 -8.34
N THR B 144 -3.89 -17.55 -7.67
CA THR B 144 -3.08 -18.26 -6.70
C THR B 144 -3.73 -18.22 -5.32
N SER B 145 -3.25 -19.07 -4.41
CA SER B 145 -3.71 -19.02 -3.04
C SER B 145 -3.25 -17.76 -2.25
N SER B 146 -2.11 -17.15 -2.62
CA SER B 146 -1.71 -15.83 -2.09
C SER B 146 -2.69 -14.73 -2.44
N GLN B 147 -2.96 -14.58 -3.73
CA GLN B 147 -3.99 -13.64 -4.21
C GLN B 147 -5.29 -13.81 -3.41
N THR B 148 -5.73 -15.04 -3.23
CA THR B 148 -7.01 -15.31 -2.56
C THR B 148 -6.96 -14.93 -1.06
N ARG B 149 -5.86 -15.28 -0.41
CA ARG B 149 -5.54 -14.86 0.96
C ARG B 149 -5.37 -13.33 1.07
N TYR B 150 -4.73 -12.72 0.07
CA TYR B 150 -4.59 -11.28 0.07
C TYR B 150 -5.94 -10.57 -0.05
N LEU B 151 -6.77 -11.00 -1.00
CA LEU B 151 -8.13 -10.45 -1.16
C LEU B 151 -8.99 -10.66 0.09
N ALA B 152 -8.84 -11.83 0.71
CA ALA B 152 -9.56 -12.17 1.92
C ALA B 152 -9.13 -11.30 3.09
N SER B 153 -7.82 -11.06 3.22
CA SER B 153 -7.27 -10.07 4.18
C SER B 153 -7.79 -8.65 3.91
N VAL B 154 -8.04 -8.31 2.66
CA VAL B 154 -8.66 -7.01 2.35
C VAL B 154 -10.13 -6.96 2.76
N ILE B 155 -10.96 -7.90 2.34
CA ILE B 155 -12.38 -7.83 2.66
C ILE B 155 -12.69 -8.12 4.13
N ARG B 156 -11.83 -8.90 4.80
CA ARG B 156 -11.99 -9.11 6.24
C ARG B 156 -12.01 -7.79 7.03
N LYS B 157 -11.17 -6.84 6.64
CA LYS B 157 -11.13 -5.52 7.30
C LYS B 157 -12.52 -4.90 7.44
N TYR B 158 -13.40 -5.17 6.48
CA TYR B 158 -14.70 -4.48 6.41
C TYR B 158 -15.81 -5.22 7.13
N GLY B 159 -15.44 -6.35 7.74
CA GLY B 159 -16.37 -7.16 8.53
C GLY B 159 -17.63 -7.48 7.76
N LYS B 160 -18.75 -7.10 8.37
CA LYS B 160 -20.09 -7.24 7.79
C LYS B 160 -20.26 -6.60 6.41
N ASP B 161 -19.46 -5.57 6.10
CA ASP B 161 -19.58 -4.86 4.81
C ASP B 161 -18.56 -5.38 3.78
N GLY B 162 -17.87 -6.45 4.14
CA GLY B 162 -16.95 -7.15 3.26
C GLY B 162 -17.56 -8.47 2.78
N CYS B 163 -17.42 -8.73 1.48
CA CYS B 163 -17.60 -10.07 0.91
C CYS B 163 -16.97 -10.07 -0.47
N ALA B 164 -17.08 -11.20 -1.18
CA ALA B 164 -16.54 -11.30 -2.54
C ALA B 164 -17.47 -12.09 -3.47
N ASP B 165 -17.15 -12.06 -4.76
CA ASP B 165 -17.93 -12.79 -5.75
C ASP B 165 -17.05 -13.32 -6.88
N VAL B 166 -17.44 -14.49 -7.42
CA VAL B 166 -16.95 -14.98 -8.71
C VAL B 166 -17.91 -14.45 -9.77
N THR B 167 -17.39 -13.95 -10.89
CA THR B 167 -18.24 -13.31 -11.89
C THR B 167 -18.48 -14.21 -13.10
N THR B 168 -19.44 -13.80 -13.95
CA THR B 168 -19.73 -14.46 -15.25
C THR B 168 -18.67 -14.22 -16.35
N ARG B 169 -17.52 -13.63 -15.97
CA ARG B 169 -16.29 -13.62 -16.79
C ARG B 169 -15.11 -14.24 -15.99
N GLN B 170 -15.43 -15.26 -15.18
CA GLN B 170 -14.46 -16.04 -14.35
C GLN B 170 -13.45 -15.16 -13.60
N ASN B 171 -13.98 -14.20 -12.84
CA ASN B 171 -13.20 -13.09 -12.29
C ASN B 171 -13.57 -12.82 -10.81
N TRP B 172 -12.67 -12.20 -10.06
CA TRP B 172 -12.93 -11.83 -8.68
C TRP B 172 -13.50 -10.41 -8.57
N GLN B 173 -14.52 -10.25 -7.72
CA GLN B 173 -14.94 -8.94 -7.22
C GLN B 173 -14.89 -8.97 -5.71
N ILE B 174 -14.35 -7.91 -5.11
CA ILE B 174 -14.38 -7.72 -3.67
C ILE B 174 -15.28 -6.55 -3.38
N ARG B 175 -15.85 -6.55 -2.18
CA ARG B 175 -16.78 -5.52 -1.75
C ARG B 175 -16.38 -4.90 -0.40
N GLY B 176 -16.86 -3.67 -0.19
CA GLY B 176 -16.71 -2.94 1.06
C GLY B 176 -15.57 -1.95 1.08
N VAL B 177 -14.84 -1.87 -0.03
CA VAL B 177 -13.68 -1.01 -0.19
C VAL B 177 -14.02 0.46 0.04
N VAL B 178 -13.26 1.12 0.92
CA VAL B 178 -13.32 2.57 1.05
C VAL B 178 -12.09 3.19 0.40
N LEU B 179 -12.27 4.40 -0.08
CA LEU B 179 -11.28 5.18 -0.83
C LEU B 179 -9.90 5.38 -0.13
N PRO B 180 -9.86 5.81 1.16
CA PRO B 180 -8.53 5.99 1.79
C PRO B 180 -7.63 4.73 1.72
N ASP B 181 -8.26 3.56 1.70
CA ASP B 181 -7.56 2.26 1.65
C ASP B 181 -7.06 1.87 0.24
N VAL B 182 -7.64 2.47 -0.81
CA VAL B 182 -7.33 2.11 -2.19
C VAL B 182 -5.83 2.04 -2.54
N PRO B 183 -5.06 3.13 -2.29
CA PRO B 183 -3.62 3.10 -2.65
C PRO B 183 -2.85 1.91 -2.09
N GLU B 184 -3.15 1.54 -0.86
CA GLU B 184 -2.47 0.41 -0.21
C GLU B 184 -2.96 -0.93 -0.81
N ILE B 185 -4.27 -1.01 -1.12
CA ILE B 185 -4.86 -2.13 -1.84
C ILE B 185 -4.25 -2.34 -3.22
N LEU B 186 -3.98 -1.24 -3.93
CA LEU B 186 -3.41 -1.33 -5.26
C LEU B 186 -1.96 -1.83 -5.19
N LYS B 187 -1.24 -1.36 -4.18
CA LYS B 187 0.11 -1.85 -3.91
C LYS B 187 0.08 -3.35 -3.52
N GLY B 188 -0.95 -3.75 -2.79
CA GLY B 188 -1.10 -5.13 -2.40
C GLY B 188 -1.42 -6.07 -3.57
N LEU B 189 -2.31 -5.62 -4.46
CA LEU B 189 -2.61 -6.34 -5.69
C LEU B 189 -1.37 -6.57 -6.57
N ASP B 190 -0.54 -5.54 -6.73
CA ASP B 190 0.65 -5.63 -7.57
C ASP B 190 1.60 -6.64 -6.96
N GLU B 191 1.65 -6.62 -5.63
CA GLU B 191 2.50 -7.50 -4.85
C GLU B 191 2.23 -8.97 -5.15
N VAL B 192 0.96 -9.34 -5.32
CA VAL B 192 0.60 -10.75 -5.59
C VAL B 192 0.37 -11.07 -7.07
N GLY B 193 0.94 -10.25 -7.96
CA GLY B 193 0.75 -10.37 -9.41
C GLY B 193 -0.66 -10.12 -9.96
N LEU B 194 -1.40 -9.22 -9.33
CA LEU B 194 -2.73 -8.88 -9.82
C LEU B 194 -2.82 -7.41 -10.26
N THR B 195 -3.75 -7.12 -11.18
CA THR B 195 -4.17 -5.75 -11.46
C THR B 195 -5.70 -5.59 -11.49
N SER B 196 -6.19 -4.38 -11.24
CA SER B 196 -7.60 -4.10 -11.38
C SER B 196 -7.81 -3.13 -12.55
N LEU B 197 -6.74 -2.83 -13.28
CA LEU B 197 -6.87 -1.86 -14.37
C LEU B 197 -7.94 -2.22 -15.38
N GLN B 198 -8.69 -1.21 -15.80
CA GLN B 198 -9.49 -1.23 -17.02
C GLN B 198 -10.60 -2.29 -17.05
N SER B 199 -11.18 -2.56 -15.88
CA SER B 199 -12.12 -3.67 -15.77
C SER B 199 -13.60 -3.26 -15.84
N GLY B 200 -13.85 -1.96 -15.91
CA GLY B 200 -15.18 -1.41 -16.07
C GLY B 200 -15.14 -0.33 -17.11
N MET B 201 -16.30 0.31 -17.34
CA MET B 201 -16.50 1.31 -18.39
C MET B 201 -15.96 0.96 -19.80
N ASP B 202 -15.38 1.96 -20.49
CA ASP B 202 -15.13 1.84 -21.92
C ASP B 202 -13.79 1.18 -22.21
N ASN B 203 -13.69 -0.08 -21.77
CA ASN B 203 -12.45 -0.84 -21.65
C ASN B 203 -12.58 -2.30 -22.11
N VAL B 204 -11.45 -2.90 -22.44
CA VAL B 204 -11.32 -4.35 -22.64
C VAL B 204 -11.56 -5.04 -21.30
N ARG B 205 -12.61 -5.87 -21.28
CA ARG B 205 -12.98 -6.61 -20.08
C ARG B 205 -12.13 -7.87 -19.97
N ASN B 206 -12.34 -8.62 -18.88
CA ASN B 206 -11.52 -9.77 -18.52
C ASN B 206 -11.47 -10.79 -19.65
N PRO B 207 -10.25 -11.08 -20.16
CA PRO B 207 -10.09 -12.14 -21.18
C PRO B 207 -10.47 -13.54 -20.65
N VAL B 208 -11.51 -14.12 -21.26
CA VAL B 208 -11.99 -15.44 -20.85
C VAL B 208 -11.34 -16.58 -21.66
N GLY B 209 -10.84 -17.58 -20.94
CA GLY B 209 -10.33 -18.82 -21.58
C GLY B 209 -10.94 -20.09 -20.99
N ASN B 210 -10.36 -21.23 -21.33
CA ASN B 210 -10.84 -22.52 -20.86
C ASN B 210 -10.57 -22.65 -19.35
N PRO B 211 -11.63 -22.90 -18.55
CA PRO B 211 -11.32 -23.10 -17.11
C PRO B 211 -10.45 -24.36 -16.88
N LEU B 212 -10.45 -25.30 -17.83
CA LEU B 212 -9.61 -26.48 -17.69
C LEU B 212 -8.26 -26.39 -18.45
N ALA B 213 -7.87 -25.18 -18.83
CA ALA B 213 -6.62 -24.96 -19.58
C ALA B 213 -5.47 -25.63 -18.88
N GLY B 214 -4.67 -26.36 -19.64
CA GLY B 214 -3.46 -26.98 -19.10
C GLY B 214 -3.69 -28.33 -18.45
N ILE B 215 -4.93 -28.58 -17.99
CA ILE B 215 -5.25 -29.80 -17.23
C ILE B 215 -6.32 -30.68 -17.91
N ASP B 216 -6.90 -30.16 -18.99
CA ASP B 216 -8.00 -30.77 -19.74
C ASP B 216 -7.50 -31.96 -20.55
N PRO B 217 -8.13 -33.14 -20.41
CA PRO B 217 -7.63 -34.28 -21.19
C PRO B 217 -7.98 -34.15 -22.66
N HIS B 218 -8.95 -33.29 -22.98
CA HIS B 218 -9.43 -33.09 -24.34
C HIS B 218 -9.27 -31.66 -24.85
N GLU B 219 -8.35 -30.89 -24.26
CA GLU B 219 -8.20 -29.48 -24.67
C GLU B 219 -7.64 -29.40 -26.08
N ILE B 220 -8.11 -28.41 -26.84
CA ILE B 220 -7.57 -28.14 -28.16
C ILE B 220 -6.20 -27.47 -28.00
N VAL B 221 -6.20 -26.39 -27.23
CA VAL B 221 -5.03 -25.56 -26.98
C VAL B 221 -5.17 -24.97 -25.58
N ASP B 222 -4.07 -24.97 -24.84
CA ASP B 222 -3.97 -24.24 -23.58
C ASP B 222 -4.11 -22.72 -23.85
N THR B 223 -5.12 -22.10 -23.26
CA THR B 223 -5.51 -20.70 -23.58
C THR B 223 -4.79 -19.69 -22.70
N ARG B 224 -4.13 -20.17 -21.64
CA ARG B 224 -3.49 -19.30 -20.67
C ARG B 224 -2.42 -18.40 -21.23
N PRO B 225 -1.49 -18.94 -22.06
CA PRO B 225 -0.53 -17.99 -22.65
C PRO B 225 -1.24 -16.85 -23.37
N TYR B 226 -2.36 -17.15 -24.02
CA TYR B 226 -3.00 -16.15 -24.88
C TYR B 226 -3.82 -15.15 -24.13
N THR B 227 -4.58 -15.62 -23.15
CA THR B 227 -5.40 -14.72 -22.33
C THR B 227 -4.47 -13.81 -21.51
N ASN B 228 -3.37 -14.36 -21.02
CA ASN B 228 -2.37 -13.58 -20.30
C ASN B 228 -1.71 -12.53 -21.20
N LEU B 229 -1.44 -12.90 -22.45
CA LEU B 229 -0.78 -11.99 -23.38
C LEU B 229 -1.68 -10.80 -23.70
N LEU B 230 -2.96 -11.06 -23.93
CA LEU B 230 -3.98 -10.04 -24.11
C LEU B 230 -4.14 -9.10 -22.91
N SER B 231 -4.15 -9.65 -21.70
CA SER B 231 -4.29 -8.84 -20.49
C SER B 231 -3.10 -7.91 -20.31
N GLN B 232 -1.93 -8.41 -20.67
CA GLN B 232 -0.68 -7.67 -20.54
C GLN B 232 -0.56 -6.62 -21.63
N TYR B 233 -0.98 -6.95 -22.85
CA TYR B 233 -1.01 -5.93 -23.90
C TYR B 233 -2.01 -4.84 -23.47
N VAL B 234 -3.20 -5.26 -23.09
CA VAL B 234 -4.27 -4.31 -22.77
C VAL B 234 -3.98 -3.37 -21.60
N THR B 235 -3.31 -3.84 -20.55
CA THR B 235 -2.93 -2.99 -19.41
C THR B 235 -1.45 -2.54 -19.47
N ALA B 236 -0.78 -2.79 -20.59
CA ALA B 236 0.68 -2.54 -20.71
C ALA B 236 1.43 -2.94 -19.45
N ASN B 237 1.41 -4.25 -19.16
CA ASN B 237 2.13 -4.86 -18.03
C ASN B 237 1.86 -4.22 -16.69
N PHE B 238 0.58 -3.89 -16.47
CA PHE B 238 0.09 -3.33 -15.20
C PHE B 238 0.34 -1.82 -15.05
N ARG B 239 0.91 -1.19 -16.07
CA ARG B 239 1.12 0.26 -16.08
C ARG B 239 -0.10 1.08 -16.54
N GLY B 240 -0.95 0.49 -17.38
CA GLY B 240 -2.06 1.20 -18.03
C GLY B 240 -1.71 1.48 -19.48
N ASN B 241 -2.63 1.19 -20.40
CA ASN B 241 -2.40 1.46 -21.84
C ASN B 241 -3.47 2.36 -22.43
N PRO B 242 -3.23 3.70 -22.43
CA PRO B 242 -4.31 4.66 -22.76
C PRO B 242 -4.78 4.57 -24.21
N ALA B 243 -4.00 3.87 -25.02
CA ALA B 243 -4.32 3.66 -26.43
C ALA B 243 -5.61 2.85 -26.56
N VAL B 244 -5.96 2.07 -25.52
CA VAL B 244 -7.15 1.20 -25.55
C VAL B 244 -8.13 1.47 -24.39
N THR B 245 -7.92 2.62 -23.74
CA THR B 245 -8.82 3.07 -22.66
C THR B 245 -9.95 4.05 -23.01
N ASN B 246 -9.92 4.59 -24.23
CA ASN B 246 -11.01 5.44 -24.71
C ASN B 246 -11.72 4.83 -25.93
N LEU B 247 -12.36 3.70 -25.68
CA LEU B 247 -13.21 2.99 -26.64
C LEU B 247 -14.58 3.67 -26.63
N PRO B 248 -15.38 3.50 -27.70
CA PRO B 248 -16.79 3.91 -27.58
C PRO B 248 -17.61 3.23 -26.44
N ARG B 249 -17.17 2.07 -25.97
CA ARG B 249 -17.95 1.22 -25.06
C ARG B 249 -17.07 0.05 -24.66
N LYS B 250 -17.56 -0.73 -23.69
CA LYS B 250 -17.00 -2.02 -23.29
C LYS B 250 -16.76 -2.99 -24.46
N TRP B 251 -15.81 -3.90 -24.22
CA TRP B 251 -15.33 -4.78 -25.24
C TRP B 251 -14.86 -6.05 -24.54
N ASN B 252 -15.61 -7.12 -24.78
CA ASN B 252 -15.30 -8.46 -24.26
C ASN B 252 -14.44 -9.34 -25.21
N VAL B 253 -13.37 -9.92 -24.70
CA VAL B 253 -12.56 -10.86 -25.50
C VAL B 253 -12.45 -12.26 -24.87
N CYS B 254 -12.40 -13.29 -25.73
CA CYS B 254 -12.20 -14.68 -25.27
C CYS B 254 -11.39 -15.54 -26.27
N VAL B 255 -10.66 -16.52 -25.70
CA VAL B 255 -9.82 -17.44 -26.43
C VAL B 255 -10.36 -18.88 -26.19
N ILE B 256 -10.76 -19.57 -27.25
CA ILE B 256 -11.25 -20.93 -27.14
C ILE B 256 -10.15 -21.99 -27.14
N GLY B 257 -10.18 -22.87 -26.12
CA GLY B 257 -9.35 -24.08 -26.10
C GLY B 257 -10.11 -25.36 -25.79
N SER B 258 -11.44 -25.24 -25.69
CA SER B 258 -12.32 -26.37 -25.33
C SER B 258 -13.35 -26.62 -26.43
N HIS B 259 -13.70 -27.90 -26.63
CA HIS B 259 -14.78 -28.29 -27.56
C HIS B 259 -16.17 -27.97 -26.98
N ASP B 260 -16.21 -27.91 -25.64
CA ASP B 260 -17.43 -27.53 -24.94
C ASP B 260 -17.79 -26.06 -25.17
N LEU B 261 -16.81 -25.27 -25.66
CA LEU B 261 -16.96 -23.80 -25.75
C LEU B 261 -17.42 -23.19 -24.40
N TYR B 262 -16.74 -23.62 -23.34
CA TYR B 262 -16.83 -23.03 -22.01
C TYR B 262 -16.65 -21.51 -22.01
N GLU B 263 -16.01 -20.99 -23.06
CA GLU B 263 -15.59 -19.61 -23.20
C GLU B 263 -16.66 -18.68 -23.78
N HIS B 264 -17.78 -19.24 -24.25
CA HIS B 264 -18.88 -18.50 -24.90
C HIS B 264 -18.44 -17.54 -26.01
N PRO B 265 -17.82 -18.10 -27.06
CA PRO B 265 -17.29 -17.36 -28.22
C PRO B 265 -18.36 -16.45 -28.82
N GLN B 266 -19.56 -17.01 -28.90
CA GLN B 266 -20.70 -16.37 -29.52
C GLN B 266 -21.14 -15.02 -28.93
N ILE B 267 -20.83 -14.75 -27.66
CA ILE B 267 -21.30 -13.54 -26.98
C ILE B 267 -20.17 -12.58 -26.64
N ASN B 268 -19.03 -12.76 -27.31
CA ASN B 268 -17.87 -11.89 -27.15
C ASN B 268 -17.64 -10.99 -28.37
N ASP B 269 -17.05 -9.82 -28.12
CA ASP B 269 -16.75 -8.83 -29.18
C ASP B 269 -15.64 -9.35 -30.04
N LEU B 270 -14.68 -10.04 -29.44
CA LEU B 270 -13.68 -10.76 -30.21
C LEU B 270 -13.52 -12.16 -29.65
N ALA B 271 -13.66 -13.17 -30.51
CA ALA B 271 -13.43 -14.55 -30.11
C ALA B 271 -12.41 -15.15 -31.05
N TYR B 272 -11.42 -15.79 -30.46
CA TYR B 272 -10.37 -16.50 -31.14
C TYR B 272 -10.71 -17.99 -31.16
N MET B 273 -10.94 -18.51 -32.36
CA MET B 273 -11.33 -19.91 -32.56
C MET B 273 -10.16 -20.70 -33.14
N PRO B 274 -9.74 -21.78 -32.44
CA PRO B 274 -8.57 -22.56 -32.87
C PRO B 274 -8.84 -23.24 -34.20
N ALA B 275 -7.83 -23.19 -35.06
CA ALA B 275 -7.90 -23.63 -36.46
C ALA B 275 -6.49 -23.64 -37.02
N THR B 276 -6.22 -24.65 -37.82
CA THR B 276 -4.94 -24.80 -38.47
C THR B 276 -5.17 -24.25 -39.87
N LYS B 277 -4.19 -23.56 -40.43
CA LYS B 277 -4.29 -23.12 -41.83
C LYS B 277 -2.99 -23.51 -42.47
N ASP B 278 -3.11 -24.23 -43.58
CA ASP B 278 -1.95 -24.73 -44.33
C ASP B 278 -0.93 -25.38 -43.36
N GLY B 279 -1.42 -26.08 -42.32
CA GLY B 279 -0.55 -26.78 -41.34
C GLY B 279 0.08 -26.00 -40.17
N ARG B 280 -0.20 -24.70 -40.08
CA ARG B 280 0.26 -23.88 -38.97
C ARG B 280 -0.88 -23.72 -37.97
N PHE B 281 -0.56 -23.71 -36.68
CA PHE B 281 -1.59 -23.45 -35.68
C PHE B 281 -1.96 -21.94 -35.57
N GLY B 282 -3.24 -21.65 -35.43
CA GLY B 282 -3.67 -20.28 -35.22
C GLY B 282 -5.13 -20.21 -34.84
N PHE B 283 -5.77 -19.10 -35.17
CA PHE B 283 -7.12 -18.80 -34.74
C PHE B 283 -7.90 -18.08 -35.85
N ASN B 284 -9.10 -18.56 -36.14
CA ASN B 284 -10.10 -17.81 -36.89
C ASN B 284 -10.74 -16.83 -35.92
N LEU B 285 -11.35 -15.78 -36.47
CA LEU B 285 -11.72 -14.68 -35.61
C LEU B 285 -13.17 -14.40 -35.80
N LEU B 286 -13.91 -14.34 -34.68
CA LEU B 286 -15.32 -13.94 -34.68
C LEU B 286 -15.47 -12.60 -33.96
N VAL B 287 -16.38 -11.75 -34.46
CA VAL B 287 -16.50 -10.38 -33.92
C VAL B 287 -17.92 -9.94 -33.62
N GLY B 288 -18.07 -9.11 -32.61
CA GLY B 288 -19.30 -8.34 -32.41
C GLY B 288 -20.41 -8.96 -31.58
N GLY B 289 -20.17 -10.11 -30.96
CA GLY B 289 -21.18 -10.70 -30.06
C GLY B 289 -21.39 -9.80 -28.84
N PHE B 290 -22.63 -9.69 -28.38
CA PHE B 290 -22.91 -8.83 -27.21
C PHE B 290 -24.38 -8.93 -26.77
N PHE B 291 -24.60 -8.60 -25.49
CA PHE B 291 -25.92 -8.36 -24.95
C PHE B 291 -26.05 -6.91 -24.53
N SER B 292 -27.16 -6.28 -24.89
CA SER B 292 -27.51 -4.97 -24.32
C SER B 292 -29.02 -4.99 -24.12
N PRO B 293 -29.58 -4.01 -23.36
CA PRO B 293 -31.03 -3.88 -23.23
C PRO B 293 -31.71 -3.80 -24.58
N LYS B 294 -30.97 -3.25 -25.54
CA LYS B 294 -31.48 -2.81 -26.86
C LYS B 294 -31.33 -3.90 -27.96
N ARG B 295 -30.33 -4.75 -27.80
CA ARG B 295 -29.97 -5.69 -28.87
C ARG B 295 -29.02 -6.73 -28.34
N CYS B 296 -29.32 -7.99 -28.64
CA CYS B 296 -28.37 -9.08 -28.53
C CYS B 296 -27.89 -9.49 -29.92
N ALA B 297 -26.59 -9.74 -30.08
CA ALA B 297 -26.10 -10.33 -31.35
C ALA B 297 -25.07 -11.43 -31.10
N GLU B 298 -25.15 -12.50 -31.88
CA GLU B 298 -24.07 -13.50 -31.87
C GLU B 298 -22.91 -13.03 -32.72
N ALA B 299 -21.71 -13.36 -32.28
CA ALA B 299 -20.48 -13.08 -33.01
C ALA B 299 -20.51 -13.71 -34.43
N VAL B 300 -20.06 -12.92 -35.40
CA VAL B 300 -20.03 -13.32 -36.79
C VAL B 300 -18.56 -13.43 -37.27
N PRO B 301 -18.29 -14.28 -38.30
CA PRO B 301 -16.90 -14.31 -38.76
C PRO B 301 -16.43 -13.00 -39.37
N LEU B 302 -15.25 -12.58 -38.92
CA LEU B 302 -14.52 -11.51 -39.57
C LEU B 302 -13.94 -11.99 -40.93
N ASP B 303 -13.98 -13.30 -41.14
CA ASP B 303 -13.33 -14.00 -42.25
C ASP B 303 -11.83 -13.74 -42.15
N ALA B 304 -11.26 -14.01 -40.98
CA ALA B 304 -9.82 -13.86 -40.79
C ALA B 304 -9.23 -14.98 -39.96
N TRP B 305 -8.05 -15.44 -40.38
CA TRP B 305 -7.23 -16.37 -39.63
C TRP B 305 -5.95 -15.66 -39.28
N VAL B 306 -5.47 -15.82 -38.04
CA VAL B 306 -4.16 -15.33 -37.63
C VAL B 306 -3.35 -16.46 -36.99
N PRO B 307 -2.05 -16.54 -37.31
CA PRO B 307 -1.18 -17.46 -36.60
C PRO B 307 -1.05 -17.15 -35.10
N ALA B 308 -0.52 -18.10 -34.33
CA ALA B 308 -0.55 -18.02 -32.88
C ALA B 308 0.06 -16.71 -32.31
N ASP B 309 1.13 -16.21 -32.91
CA ASP B 309 1.68 -14.98 -32.35
C ASP B 309 1.29 -13.65 -32.97
N ASP B 310 0.27 -13.70 -33.83
CA ASP B 310 -0.48 -12.51 -34.31
C ASP B 310 -1.76 -12.28 -33.48
N VAL B 311 -1.91 -13.04 -32.41
CA VAL B 311 -3.02 -12.82 -31.46
C VAL B 311 -3.01 -11.38 -30.92
N VAL B 312 -1.88 -10.94 -30.39
CA VAL B 312 -1.77 -9.57 -29.89
C VAL B 312 -1.88 -8.53 -31.03
N PRO B 313 -1.04 -8.62 -32.09
CA PRO B 313 -1.23 -7.69 -33.22
C PRO B 313 -2.66 -7.46 -33.67
N VAL B 314 -3.48 -8.52 -33.80
CA VAL B 314 -4.85 -8.37 -34.33
C VAL B 314 -5.87 -7.80 -33.34
N CYS B 315 -5.69 -8.13 -32.07
CA CYS B 315 -6.45 -7.53 -30.99
C CYS B 315 -6.28 -6.00 -31.07
N LYS B 316 -5.03 -5.57 -31.23
CA LYS B 316 -4.65 -4.16 -31.29
C LYS B 316 -5.24 -3.50 -32.50
N ALA B 317 -5.07 -4.14 -33.65
CA ALA B 317 -5.67 -3.68 -34.89
C ALA B 317 -7.20 -3.47 -34.78
N ILE B 318 -7.90 -4.44 -34.19
CA ILE B 318 -9.37 -4.41 -34.06
C ILE B 318 -9.79 -3.34 -33.03
N LEU B 319 -9.07 -3.32 -31.92
CA LEU B 319 -9.29 -2.34 -30.86
C LEU B 319 -9.09 -0.93 -31.39
N GLU B 320 -8.03 -0.73 -32.17
CA GLU B 320 -7.78 0.57 -32.79
C GLU B 320 -8.87 0.98 -33.79
N ALA B 321 -9.36 0.05 -34.61
CA ALA B 321 -10.44 0.36 -35.57
C ALA B 321 -11.75 0.73 -34.88
N TYR B 322 -12.06 0.00 -33.82
CA TYR B 322 -13.22 0.27 -32.99
C TYR B 322 -13.04 1.62 -32.30
N ARG B 323 -11.90 1.81 -31.63
CA ARG B 323 -11.56 3.12 -31.04
C ARG B 323 -11.73 4.33 -32.01
N ASP B 324 -11.11 4.23 -33.18
CA ASP B 324 -11.08 5.29 -34.20
C ASP B 324 -12.42 5.54 -34.88
N LEU B 325 -13.20 4.51 -35.12
CA LEU B 325 -14.37 4.62 -36.04
C LEU B 325 -15.73 4.51 -35.38
N GLY B 326 -15.74 3.93 -34.19
CA GLY B 326 -16.98 3.72 -33.50
C GLY B 326 -17.70 5.02 -33.26
N THR B 327 -19.00 4.89 -33.13
CA THR B 327 -19.92 5.97 -33.05
C THR B 327 -20.02 6.31 -31.56
N ARG B 328 -20.17 7.58 -31.24
CA ARG B 328 -20.13 8.02 -29.86
C ARG B 328 -21.39 8.85 -29.45
N GLY B 329 -22.49 8.57 -30.15
CA GLY B 329 -23.78 9.22 -29.93
C GLY B 329 -24.51 8.41 -28.89
N ASN B 330 -25.77 8.13 -29.19
CA ASN B 330 -26.63 7.20 -28.45
C ASN B 330 -25.79 6.04 -27.83
N ARG B 331 -25.75 5.97 -26.51
CA ARG B 331 -24.93 4.97 -25.80
C ARG B 331 -25.28 3.53 -26.18
N GLN B 332 -26.47 3.34 -26.73
CA GLN B 332 -26.97 2.00 -27.05
C GLN B 332 -26.75 1.63 -28.52
N LYS B 333 -25.95 2.42 -29.23
CA LYS B 333 -25.53 2.04 -30.55
C LYS B 333 -24.01 2.12 -30.65
N THR B 334 -23.33 1.85 -29.55
CA THR B 334 -21.87 2.04 -29.46
C THR B 334 -21.06 0.74 -29.38
N ARG B 335 -21.74 -0.36 -29.06
CA ARG B 335 -21.10 -1.66 -29.02
C ARG B 335 -20.53 -1.95 -30.41
N MET B 336 -19.45 -2.71 -30.47
CA MET B 336 -18.73 -2.82 -31.75
C MET B 336 -19.56 -3.39 -32.91
N MET B 337 -20.55 -4.24 -32.62
CA MET B 337 -21.45 -4.80 -33.69
C MET B 337 -22.14 -3.75 -34.52
N TRP B 338 -22.45 -2.63 -33.91
CA TRP B 338 -23.04 -1.50 -34.62
C TRP B 338 -22.17 -0.92 -35.76
N LEU B 339 -20.86 -0.89 -35.55
CA LEU B 339 -19.89 -0.46 -36.57
C LEU B 339 -19.70 -1.51 -37.65
N VAL B 340 -19.69 -2.78 -37.24
CA VAL B 340 -19.67 -3.88 -38.19
C VAL B 340 -20.89 -3.77 -39.12
N ASP B 341 -22.07 -3.54 -38.54
CA ASP B 341 -23.30 -3.25 -39.29
C ASP B 341 -23.17 -2.09 -40.26
N GLU B 342 -22.65 -0.97 -39.78
CA GLU B 342 -22.55 0.24 -40.59
C GLU B 342 -21.52 0.13 -41.74
N LEU B 343 -20.35 -0.43 -41.46
CA LEU B 343 -19.33 -0.53 -42.53
C LEU B 343 -19.54 -1.74 -43.42
N GLY B 344 -20.39 -2.67 -43.00
CA GLY B 344 -20.36 -4.04 -43.54
C GLY B 344 -19.17 -4.77 -42.89
N VAL B 345 -19.20 -6.09 -42.86
CA VAL B 345 -18.08 -6.82 -42.25
C VAL B 345 -16.81 -6.71 -43.11
N GLU B 346 -16.97 -6.63 -44.43
CA GLU B 346 -15.83 -6.33 -45.32
C GLU B 346 -15.26 -4.91 -45.13
N GLY B 347 -16.13 -3.92 -44.98
CA GLY B 347 -15.69 -2.57 -44.59
C GLY B 347 -14.90 -2.59 -43.27
N PHE B 348 -15.43 -3.28 -42.28
CA PHE B 348 -14.77 -3.33 -40.97
C PHE B 348 -13.43 -4.03 -41.04
N ARG B 349 -13.42 -5.20 -41.70
CA ARG B 349 -12.22 -5.98 -41.91
C ARG B 349 -11.12 -5.16 -42.59
N ALA B 350 -11.48 -4.33 -43.57
CA ALA B 350 -10.50 -3.46 -44.26
C ALA B 350 -9.80 -2.50 -43.30
N GLU B 351 -10.57 -2.01 -42.32
CA GLU B 351 -10.07 -1.10 -41.30
C GLU B 351 -9.11 -1.80 -40.34
N VAL B 352 -9.37 -3.07 -40.08
CA VAL B 352 -8.46 -3.91 -39.31
C VAL B 352 -7.18 -4.17 -40.11
N VAL B 353 -7.34 -4.38 -41.43
CA VAL B 353 -6.19 -4.68 -42.29
C VAL B 353 -5.14 -3.55 -42.26
N LYS B 354 -5.58 -2.29 -42.39
CA LYS B 354 -4.65 -1.13 -42.40
C LYS B 354 -3.95 -0.83 -41.06
N ARG B 355 -4.49 -1.42 -39.98
CA ARG B 355 -3.87 -1.35 -38.65
C ARG B 355 -3.07 -2.60 -38.30
N MET B 356 -2.92 -3.50 -39.27
CA MET B 356 -2.08 -4.66 -39.09
C MET B 356 -0.66 -4.30 -39.48
N PRO B 357 0.33 -4.84 -38.75
CA PRO B 357 1.67 -4.57 -39.20
C PRO B 357 1.75 -5.15 -40.60
N GLN B 358 2.43 -4.51 -41.51
CA GLN B 358 2.59 -5.18 -42.79
C GLN B 358 1.28 -5.45 -43.58
N GLN B 359 0.16 -4.87 -43.17
CA GLN B 359 -1.09 -4.80 -44.00
C GLN B 359 -1.66 -6.16 -44.44
N LYS B 360 -1.50 -7.17 -43.61
CA LYS B 360 -1.97 -8.49 -44.00
C LYS B 360 -2.85 -9.12 -42.95
N LEU B 361 -3.97 -9.66 -43.41
CA LEU B 361 -4.81 -10.53 -42.60
C LEU B 361 -5.20 -11.70 -43.48
N ASP B 362 -4.79 -12.91 -43.12
CA ASP B 362 -5.22 -14.09 -43.87
C ASP B 362 -6.74 -14.29 -43.78
N ARG B 363 -7.34 -14.75 -44.87
CA ARG B 363 -8.74 -15.15 -44.85
C ARG B 363 -8.88 -16.39 -43.96
N GLU B 364 -10.09 -16.71 -43.55
CA GLU B 364 -10.25 -17.72 -42.50
C GLU B 364 -9.93 -19.13 -42.95
N SER B 365 -9.39 -19.91 -42.03
CA SER B 365 -9.16 -21.31 -42.28
C SER B 365 -10.48 -22.09 -42.36
N THR B 366 -10.54 -22.95 -43.37
CA THR B 366 -11.63 -23.86 -43.54
C THR B 366 -11.70 -24.88 -42.39
N GLU B 367 -10.57 -25.16 -41.73
CA GLU B 367 -10.54 -26.26 -40.77
C GLU B 367 -10.33 -25.94 -39.27
N ASP B 368 -11.44 -25.59 -38.64
CA ASP B 368 -11.43 -25.32 -37.22
C ASP B 368 -11.34 -26.60 -36.40
N LEU B 369 -10.61 -26.52 -35.30
CA LEU B 369 -10.33 -27.68 -34.47
C LEU B 369 -11.44 -28.03 -33.46
N VAL B 370 -12.52 -27.26 -33.44
CA VAL B 370 -13.63 -27.58 -32.52
C VAL B 370 -14.53 -28.66 -33.15
N GLN B 371 -14.77 -29.74 -32.40
CA GLN B 371 -15.71 -30.76 -32.82
C GLN B 371 -17.11 -30.16 -32.71
N LYS B 372 -17.80 -30.11 -33.84
CA LYS B 372 -19.12 -29.47 -33.95
C LYS B 372 -20.18 -30.24 -33.23
N GLN B 373 -20.02 -31.56 -33.23
CA GLN B 373 -20.83 -32.47 -32.42
C GLN B 373 -19.99 -32.90 -31.22
N TRP B 374 -20.35 -32.36 -30.07
CA TRP B 374 -19.65 -32.58 -28.82
C TRP B 374 -20.64 -32.23 -27.73
N GLU B 375 -20.78 -33.10 -26.75
CA GLU B 375 -21.69 -32.81 -25.67
C GLU B 375 -20.91 -32.13 -24.55
N ARG B 376 -21.36 -30.93 -24.18
CA ARG B 376 -20.76 -30.14 -23.08
C ARG B 376 -20.59 -30.97 -21.81
N ARG B 377 -19.37 -30.97 -21.26
CA ARG B 377 -19.05 -31.71 -20.03
C ARG B 377 -19.34 -30.89 -18.79
N GLU B 378 -19.86 -31.54 -17.77
CA GLU B 378 -19.87 -30.95 -16.44
C GLU B 378 -18.45 -31.00 -15.86
N TYR B 379 -18.11 -30.02 -15.01
CA TYR B 379 -16.79 -29.90 -14.40
C TYR B 379 -16.88 -29.94 -12.88
N LEU B 380 -18.09 -29.84 -12.36
CA LEU B 380 -18.32 -29.93 -10.94
C LEU B 380 -18.21 -31.39 -10.54
N GLY B 381 -17.50 -31.65 -9.45
CA GLY B 381 -17.21 -33.03 -9.08
C GLY B 381 -15.75 -33.33 -9.22
N VAL B 382 -15.41 -34.62 -9.22
CA VAL B 382 -14.01 -35.04 -9.28
C VAL B 382 -13.80 -35.64 -10.66
N HIS B 383 -12.83 -35.09 -11.40
CA HIS B 383 -12.60 -35.52 -12.78
C HIS B 383 -11.10 -35.73 -13.08
N PRO B 384 -10.75 -36.77 -13.86
CA PRO B 384 -9.34 -36.95 -14.20
C PRO B 384 -8.76 -35.86 -15.09
N GLN B 385 -7.51 -35.50 -14.80
CA GLN B 385 -6.77 -34.55 -15.64
C GLN B 385 -6.05 -35.24 -16.80
N LYS B 386 -5.46 -34.48 -17.72
CA LYS B 386 -4.65 -35.11 -18.73
C LYS B 386 -3.42 -35.73 -18.09
N GLN B 387 -2.99 -35.14 -16.97
CA GLN B 387 -1.86 -35.70 -16.27
C GLN B 387 -2.34 -36.92 -15.52
N GLU B 388 -1.59 -38.01 -15.68
CA GLU B 388 -1.92 -39.27 -15.04
C GLU B 388 -1.64 -39.09 -13.55
N GLY B 389 -2.52 -39.62 -12.73
CA GLY B 389 -2.33 -39.49 -11.29
C GLY B 389 -3.06 -38.33 -10.64
N TYR B 390 -3.64 -37.44 -11.47
CA TYR B 390 -4.25 -36.20 -11.00
C TYR B 390 -5.69 -36.01 -11.41
N SER B 391 -6.45 -35.35 -10.53
CA SER B 391 -7.83 -34.99 -10.81
C SER B 391 -8.04 -33.54 -10.49
N PHE B 392 -9.00 -32.92 -11.18
CA PHE B 392 -9.54 -31.64 -10.75
C PHE B 392 -10.87 -31.85 -10.03
N VAL B 393 -11.17 -30.96 -9.09
CA VAL B 393 -12.31 -31.06 -8.22
C VAL B 393 -13.07 -29.72 -8.31
N GLY B 394 -14.19 -29.72 -9.03
CA GLY B 394 -15.00 -28.53 -9.20
C GLY B 394 -16.02 -28.37 -8.10
N LEU B 395 -16.09 -27.16 -7.54
CA LEU B 395 -16.92 -26.86 -6.37
C LEU B 395 -18.02 -25.90 -6.72
N HIS B 396 -19.19 -26.16 -6.16
CA HIS B 396 -20.34 -25.35 -6.40
C HIS B 396 -20.18 -24.19 -5.47
N ILE B 397 -20.17 -22.97 -6.00
CA ILE B 397 -20.30 -21.77 -5.18
C ILE B 397 -21.69 -21.25 -5.46
N PRO B 398 -22.62 -21.40 -4.48
CA PRO B 398 -24.00 -20.93 -4.66
C PRO B 398 -24.03 -19.42 -5.02
N VAL B 399 -24.57 -19.12 -6.21
CA VAL B 399 -24.67 -17.76 -6.74
C VAL B 399 -23.34 -16.95 -6.60
N GLY B 400 -22.21 -17.65 -6.66
CA GLY B 400 -20.89 -17.01 -6.73
C GLY B 400 -20.37 -16.26 -5.53
N ARG B 401 -21.14 -16.26 -4.44
CA ARG B 401 -20.87 -15.43 -3.28
C ARG B 401 -19.95 -16.10 -2.23
N VAL B 402 -18.80 -15.50 -1.96
CA VAL B 402 -17.86 -16.01 -0.93
C VAL B 402 -17.71 -15.00 0.20
N GLN B 403 -17.31 -15.48 1.38
CA GLN B 403 -16.91 -14.57 2.46
C GLN B 403 -15.42 -14.65 2.68
N ALA B 404 -14.89 -13.78 3.54
CA ALA B 404 -13.47 -13.74 3.86
C ALA B 404 -12.97 -15.11 4.29
N ASP B 405 -13.73 -15.76 5.18
CA ASP B 405 -13.38 -17.06 5.72
C ASP B 405 -13.41 -18.19 4.68
N ASP B 406 -14.44 -18.20 3.85
CA ASP B 406 -14.50 -19.10 2.70
C ASP B 406 -13.25 -18.98 1.83
N MET B 407 -12.85 -17.75 1.51
CA MET B 407 -11.67 -17.48 0.70
C MET B 407 -10.40 -18.06 1.31
N ASP B 408 -10.12 -17.74 2.57
CA ASP B 408 -8.97 -18.33 3.26
C ASP B 408 -8.98 -19.86 3.25
N GLU B 409 -10.17 -20.42 3.43
CA GLU B 409 -10.38 -21.86 3.39
C GLU B 409 -10.13 -22.48 1.99
N LEU B 410 -10.60 -21.81 0.94
CA LEU B 410 -10.34 -22.22 -0.42
C LEU B 410 -8.84 -22.15 -0.72
N ALA B 411 -8.19 -21.09 -0.26
CA ALA B 411 -6.74 -20.94 -0.44
C ALA B 411 -5.95 -22.07 0.23
N ARG B 412 -6.27 -22.37 1.49
CA ARG B 412 -5.64 -23.46 2.24
C ARG B 412 -5.85 -24.80 1.54
N LEU B 413 -7.09 -25.04 1.13
CA LEU B 413 -7.43 -26.23 0.37
C LEU B 413 -6.60 -26.36 -0.91
N ALA B 414 -6.36 -25.23 -1.59
CA ALA B 414 -5.56 -25.27 -2.82
C ALA B 414 -4.13 -25.63 -2.51
N ASP B 415 -3.64 -25.19 -1.36
CA ASP B 415 -2.28 -25.44 -0.90
C ASP B 415 -2.04 -26.87 -0.41
N GLU B 416 -2.99 -27.40 0.37
CA GLU B 416 -2.88 -28.75 0.98
C GLU B 416 -3.29 -29.88 0.05
N TYR B 417 -4.20 -29.63 -0.89
CA TYR B 417 -4.72 -30.66 -1.79
C TYR B 417 -4.35 -30.43 -3.25
N GLY B 418 -4.12 -29.18 -3.63
CA GLY B 418 -3.80 -28.87 -5.03
C GLY B 418 -2.38 -28.37 -5.18
N SER B 419 -2.18 -27.49 -6.16
CA SER B 419 -0.87 -26.93 -6.44
C SER B 419 -0.81 -25.47 -5.96
N GLY B 420 -1.80 -25.04 -5.17
CA GLY B 420 -1.89 -23.65 -4.71
C GLY B 420 -2.60 -22.73 -5.69
N GLU B 421 -3.44 -23.31 -6.54
CA GLU B 421 -4.07 -22.60 -7.65
C GLU B 421 -5.55 -22.96 -7.58
N LEU B 422 -6.38 -22.00 -7.99
CA LEU B 422 -7.84 -22.17 -8.15
C LEU B 422 -8.21 -21.71 -9.54
N ARG B 423 -9.32 -22.22 -10.08
CA ARG B 423 -9.81 -21.81 -11.39
C ARG B 423 -11.25 -21.34 -11.28
N LEU B 424 -11.50 -20.04 -11.44
CA LEU B 424 -12.88 -19.53 -11.47
C LEU B 424 -13.53 -19.83 -12.83
N THR B 425 -14.87 -19.95 -12.84
CA THR B 425 -15.61 -20.28 -14.07
C THR B 425 -16.71 -19.25 -14.29
N VAL B 426 -17.18 -19.16 -15.54
CA VAL B 426 -18.25 -18.21 -15.94
C VAL B 426 -19.63 -18.51 -15.40
N GLU B 427 -19.82 -19.71 -14.86
CA GLU B 427 -21.04 -20.03 -14.11
C GLU B 427 -20.81 -19.75 -12.62
N GLN B 428 -19.73 -19.02 -12.31
CA GLN B 428 -19.51 -18.49 -10.96
C GLN B 428 -19.20 -19.59 -9.94
N ASN B 429 -18.44 -20.59 -10.40
CA ASN B 429 -17.94 -21.67 -9.55
C ASN B 429 -16.41 -21.63 -9.49
N ILE B 430 -15.81 -22.57 -8.76
CA ILE B 430 -14.37 -22.61 -8.54
C ILE B 430 -13.92 -24.06 -8.59
N ILE B 431 -12.96 -24.33 -9.46
CA ILE B 431 -12.27 -25.61 -9.56
C ILE B 431 -10.97 -25.54 -8.78
N ILE B 432 -10.62 -26.61 -8.07
CA ILE B 432 -9.28 -26.75 -7.53
C ILE B 432 -8.57 -27.76 -8.42
N PRO B 433 -7.65 -27.29 -9.25
CA PRO B 433 -6.88 -28.20 -10.09
C PRO B 433 -5.74 -28.92 -9.38
N ASN B 434 -5.23 -29.98 -10.02
CA ASN B 434 -3.99 -30.63 -9.63
C ASN B 434 -4.04 -31.35 -8.29
N VAL B 435 -5.15 -32.07 -8.06
CA VAL B 435 -5.28 -32.83 -6.83
C VAL B 435 -4.76 -34.24 -7.13
N LYS B 436 -3.68 -34.67 -6.49
CA LYS B 436 -3.25 -36.06 -6.61
C LYS B 436 -4.39 -36.97 -6.20
N ASN B 437 -4.66 -38.00 -6.99
CA ASN B 437 -5.79 -38.89 -6.73
C ASN B 437 -5.83 -39.49 -5.32
N SER B 438 -4.65 -39.74 -4.75
CA SER B 438 -4.54 -40.24 -3.38
C SER B 438 -5.06 -39.27 -2.33
N LYS B 439 -5.27 -38.00 -2.68
CA LYS B 439 -5.72 -36.98 -1.71
C LYS B 439 -7.20 -36.64 -1.80
N ILE B 440 -7.88 -37.11 -2.86
CA ILE B 440 -9.29 -36.79 -3.12
C ILE B 440 -10.17 -37.12 -1.91
N GLU B 441 -9.96 -38.32 -1.36
CA GLU B 441 -10.82 -38.79 -0.28
C GLU B 441 -10.73 -37.84 0.93
N ALA B 442 -9.51 -37.42 1.27
CA ALA B 442 -9.30 -36.49 2.38
C ALA B 442 -10.03 -35.17 2.13
N LEU B 443 -9.88 -34.66 0.90
CA LEU B 443 -10.52 -33.41 0.45
C LEU B 443 -12.04 -33.43 0.58
N LEU B 444 -12.65 -34.55 0.19
CA LEU B 444 -14.11 -34.67 0.17
C LEU B 444 -14.68 -34.67 1.56
N ASN B 445 -13.84 -34.93 2.57
CA ASN B 445 -14.31 -34.86 3.96
C ASN B 445 -14.06 -33.52 4.65
N GLU B 446 -13.55 -32.55 3.90
CA GLU B 446 -13.34 -31.20 4.43
C GLU B 446 -14.71 -30.54 4.70
N PRO B 447 -14.85 -29.95 5.90
CA PRO B 447 -16.04 -29.20 6.34
C PRO B 447 -16.54 -28.18 5.30
N LEU B 448 -15.63 -27.46 4.62
CA LEU B 448 -16.04 -26.55 3.56
C LEU B 448 -16.87 -27.27 2.48
N LEU B 449 -16.39 -28.42 2.00
CA LEU B 449 -17.06 -29.15 0.93
C LEU B 449 -18.37 -29.78 1.38
N LYS B 450 -18.45 -30.09 2.67
CA LYS B 450 -19.70 -30.60 3.24
C LYS B 450 -20.67 -29.48 3.51
N ASN B 451 -20.18 -28.37 4.05
CA ASN B 451 -21.07 -27.32 4.61
C ASN B 451 -21.39 -26.13 3.72
N ARG B 452 -20.47 -25.79 2.81
CA ARG B 452 -20.58 -24.61 1.96
C ARG B 452 -20.54 -24.92 0.44
N PHE B 453 -19.45 -25.53 -0.03
CA PHE B 453 -19.25 -25.72 -1.49
C PHE B 453 -19.08 -27.18 -1.97
N SER B 454 -20.20 -27.80 -2.35
CA SER B 454 -20.27 -29.24 -2.62
C SER B 454 -19.74 -29.60 -4.03
N THR B 455 -19.12 -30.77 -4.13
CA THR B 455 -18.73 -31.32 -5.44
C THR B 455 -19.92 -31.98 -6.16
N ASP B 456 -21.08 -32.01 -5.50
CA ASP B 456 -22.23 -32.76 -5.99
C ASP B 456 -23.54 -32.13 -5.46
N PRO B 457 -23.76 -30.83 -5.80
CA PRO B 457 -24.94 -30.11 -5.32
C PRO B 457 -26.20 -30.66 -5.95
N PRO B 458 -27.40 -30.30 -5.42
CA PRO B 458 -28.60 -30.74 -6.10
C PRO B 458 -28.65 -30.35 -7.58
N ILE B 459 -29.39 -31.15 -8.34
CA ILE B 459 -29.52 -31.02 -9.78
C ILE B 459 -29.74 -29.57 -10.27
N LEU B 460 -30.72 -28.87 -9.71
CA LEU B 460 -31.09 -27.55 -10.23
C LEU B 460 -30.15 -26.42 -9.80
N MET B 461 -29.47 -26.64 -8.68
CA MET B 461 -28.48 -25.69 -8.15
C MET B 461 -27.17 -25.72 -8.92
N LYS B 462 -26.80 -26.91 -9.42
CA LYS B 462 -25.51 -27.15 -10.09
C LYS B 462 -25.14 -26.04 -11.06
N ASN B 463 -26.11 -25.69 -11.91
CA ASN B 463 -25.91 -24.73 -13.00
C ASN B 463 -26.73 -23.43 -12.82
N LEU B 464 -27.02 -23.09 -11.57
CA LEU B 464 -27.77 -21.86 -11.26
C LEU B 464 -26.84 -20.65 -11.27
N VAL B 465 -27.14 -19.66 -12.11
CA VAL B 465 -26.33 -18.45 -12.27
C VAL B 465 -27.10 -17.19 -11.97
N ALA B 466 -26.57 -16.31 -11.13
CA ALA B 466 -27.28 -15.06 -10.81
C ALA B 466 -26.36 -13.85 -10.72
N CYS B 467 -26.73 -12.75 -11.37
CA CYS B 467 -25.92 -11.51 -11.32
C CYS B 467 -26.02 -10.90 -9.94
N THR B 468 -25.27 -9.84 -9.70
CA THR B 468 -25.31 -9.10 -8.44
C THR B 468 -26.71 -8.76 -7.91
N GLY B 469 -27.58 -8.20 -8.76
CA GLY B 469 -28.93 -7.74 -8.35
C GLY B 469 -28.93 -6.58 -7.36
N ASN B 470 -30.11 -6.21 -6.85
CA ASN B 470 -30.20 -5.01 -6.00
C ASN B 470 -29.56 -5.03 -4.58
N GLN B 471 -28.97 -6.15 -4.17
CA GLN B 471 -28.18 -6.11 -2.94
C GLN B 471 -27.11 -5.02 -3.04
N PHE B 472 -26.50 -4.89 -4.23
CA PHE B 472 -25.41 -3.95 -4.44
C PHE B 472 -25.50 -3.14 -5.73
N CYS B 473 -26.17 -3.66 -6.75
CA CYS B 473 -26.19 -2.96 -8.05
C CYS B 473 -27.30 -1.91 -8.17
N GLY B 474 -26.89 -0.68 -8.44
CA GLY B 474 -27.81 0.43 -8.65
C GLY B 474 -28.72 0.25 -9.85
N LYS B 475 -28.29 -0.51 -10.84
CA LYS B 475 -29.09 -0.68 -12.07
C LYS B 475 -30.20 -1.71 -11.86
N ALA B 476 -30.12 -2.45 -10.75
CA ALA B 476 -31.03 -3.60 -10.49
C ALA B 476 -32.47 -3.22 -10.26
N ILE B 477 -33.36 -3.99 -10.87
CA ILE B 477 -34.77 -3.83 -10.59
C ILE B 477 -35.18 -4.81 -9.48
N ILE B 478 -34.51 -5.96 -9.39
CA ILE B 478 -34.86 -6.98 -8.38
C ILE B 478 -33.67 -7.54 -7.60
N GLU B 479 -33.97 -8.31 -6.57
CA GLU B 479 -32.96 -9.00 -5.81
C GLU B 479 -32.87 -10.38 -6.48
N THR B 480 -31.67 -10.69 -6.94
CA THR B 480 -31.43 -11.88 -7.76
C THR B 480 -30.82 -13.03 -6.94
N LYS B 481 -29.71 -12.77 -6.26
CA LYS B 481 -28.94 -13.80 -5.56
C LYS B 481 -29.67 -14.64 -4.49
N ALA B 482 -30.32 -14.05 -3.51
CA ALA B 482 -31.07 -14.85 -2.53
C ALA B 482 -32.41 -15.35 -3.12
N ARG B 483 -33.01 -14.55 -3.99
CA ARG B 483 -34.27 -14.93 -4.60
C ARG B 483 -34.09 -16.20 -5.43
N SER B 484 -33.09 -16.23 -6.30
CA SER B 484 -32.87 -17.38 -7.20
C SER B 484 -32.72 -18.70 -6.44
N MET B 485 -31.95 -18.68 -5.35
CA MET B 485 -31.74 -19.84 -4.47
C MET B 485 -33.00 -20.30 -3.77
N LYS B 486 -33.73 -19.35 -3.18
CA LYS B 486 -34.99 -19.65 -2.52
C LYS B 486 -35.91 -20.32 -3.53
N ILE B 487 -36.16 -19.68 -4.68
CA ILE B 487 -37.09 -20.26 -5.69
C ILE B 487 -36.63 -21.60 -6.22
N THR B 488 -35.34 -21.73 -6.55
CA THR B 488 -34.79 -22.99 -7.05
C THR B 488 -34.85 -24.08 -5.97
N GLU B 489 -34.69 -23.72 -4.70
CA GLU B 489 -34.90 -24.67 -3.63
C GLU B 489 -36.35 -25.15 -3.57
N GLU B 490 -37.29 -24.23 -3.75
CA GLU B 490 -38.70 -24.59 -3.78
C GLU B 490 -39.02 -25.46 -5.00
N VAL B 491 -38.50 -25.08 -6.17
CA VAL B 491 -38.76 -25.81 -7.42
C VAL B 491 -38.22 -27.26 -7.34
N GLN B 492 -37.03 -27.46 -6.76
CA GLN B 492 -36.50 -28.82 -6.74
C GLN B 492 -37.22 -29.77 -5.77
N LEU B 493 -37.95 -29.21 -4.79
CA LEU B 493 -38.82 -29.99 -3.91
C LEU B 493 -40.00 -30.61 -4.67
N LEU B 494 -40.35 -30.02 -5.81
CA LEU B 494 -41.62 -30.28 -6.51
C LEU B 494 -41.50 -31.16 -7.75
N VAL B 495 -40.26 -31.40 -8.17
CA VAL B 495 -40.03 -32.19 -9.37
C VAL B 495 -38.91 -33.20 -9.15
N SER B 496 -39.00 -34.29 -9.89
CA SER B 496 -37.89 -35.19 -10.09
C SER B 496 -37.40 -34.95 -11.51
N ILE B 497 -36.10 -34.66 -11.65
CA ILE B 497 -35.48 -34.25 -12.92
C ILE B 497 -34.04 -34.82 -13.03
N THR B 498 -33.59 -35.12 -14.24
CA THR B 498 -32.20 -35.61 -14.42
C THR B 498 -31.34 -34.77 -15.37
N GLN B 499 -31.94 -34.01 -16.30
CA GLN B 499 -31.18 -32.98 -17.02
C GLN B 499 -30.74 -31.85 -16.05
N PRO B 500 -29.45 -31.46 -16.09
CA PRO B 500 -28.98 -30.35 -15.25
C PRO B 500 -29.26 -28.97 -15.88
N VAL B 501 -30.54 -28.64 -15.97
CA VAL B 501 -31.05 -27.40 -16.58
C VAL B 501 -30.28 -26.19 -16.07
N ARG B 502 -29.81 -25.38 -17.00
CA ARG B 502 -29.12 -24.13 -16.70
C ARG B 502 -30.12 -22.97 -16.50
N MET B 503 -30.19 -22.47 -15.27
CA MET B 503 -31.05 -21.37 -14.92
C MET B 503 -30.26 -20.12 -14.54
N HIS B 504 -30.54 -19.02 -15.25
CA HIS B 504 -29.80 -17.74 -15.06
C HIS B 504 -30.71 -16.60 -14.63
N TRP B 505 -30.33 -15.87 -13.59
CA TRP B 505 -31.14 -14.79 -13.02
C TRP B 505 -30.40 -13.49 -13.08
N THR B 506 -31.04 -12.49 -13.68
CA THR B 506 -30.39 -11.25 -14.01
C THR B 506 -31.30 -10.09 -13.57
N GLY B 507 -30.71 -9.05 -12.98
CA GLY B 507 -31.49 -8.04 -12.28
C GLY B 507 -32.18 -6.96 -13.11
N CYS B 508 -31.79 -6.87 -14.38
CA CYS B 508 -32.22 -5.82 -15.30
C CYS B 508 -31.87 -6.25 -16.75
N PRO B 509 -32.34 -5.47 -17.75
CA PRO B 509 -32.05 -5.66 -19.20
C PRO B 509 -30.56 -5.71 -19.69
N ASN B 510 -29.62 -5.25 -18.85
CA ASN B 510 -28.18 -5.39 -19.14
C ASN B 510 -27.75 -6.82 -19.34
N SER B 511 -28.43 -7.75 -18.67
CA SER B 511 -28.21 -9.18 -18.89
C SER B 511 -26.79 -9.62 -18.57
N CYS B 512 -26.26 -9.19 -17.42
CA CYS B 512 -24.95 -9.63 -16.92
C CYS B 512 -24.85 -11.13 -16.62
N ALA B 513 -25.98 -11.70 -16.18
CA ALA B 513 -26.13 -13.15 -16.05
C ALA B 513 -26.63 -13.79 -17.37
N GLN B 514 -26.55 -13.06 -18.47
CA GLN B 514 -26.64 -13.65 -19.82
C GLN B 514 -27.89 -14.55 -19.99
N VAL B 515 -29.07 -14.05 -19.62
CA VAL B 515 -30.27 -14.91 -19.60
C VAL B 515 -30.66 -15.56 -20.95
N GLN B 516 -30.31 -14.90 -22.06
CA GLN B 516 -30.60 -15.40 -23.41
C GLN B 516 -29.81 -16.68 -23.81
N VAL B 517 -28.86 -17.10 -22.98
CA VAL B 517 -28.16 -18.40 -23.20
C VAL B 517 -28.69 -19.53 -22.31
N ALA B 518 -29.57 -19.20 -21.38
CA ALA B 518 -30.02 -20.18 -20.38
C ALA B 518 -31.14 -21.05 -20.95
N ASP B 519 -31.29 -22.26 -20.37
CA ASP B 519 -32.43 -23.12 -20.66
C ASP B 519 -33.72 -22.42 -20.19
N ILE B 520 -33.69 -21.94 -18.94
CA ILE B 520 -34.68 -21.00 -18.41
C ILE B 520 -33.96 -19.77 -17.81
N GLY B 521 -34.35 -18.59 -18.31
CA GLY B 521 -33.76 -17.34 -17.87
C GLY B 521 -34.78 -16.42 -17.23
N PHE B 522 -34.32 -15.61 -16.27
CA PHE B 522 -35.18 -14.65 -15.59
C PHE B 522 -34.61 -13.23 -15.66
N MET B 523 -35.39 -12.33 -16.24
CA MET B 523 -35.00 -10.92 -16.34
C MET B 523 -35.86 -10.01 -15.47
N GLY B 524 -35.24 -9.39 -14.46
CA GLY B 524 -35.92 -8.50 -13.54
C GLY B 524 -36.69 -7.39 -14.22
N CYS B 525 -37.88 -7.15 -13.70
CA CYS B 525 -38.73 -6.06 -14.14
C CYS B 525 -39.60 -5.68 -12.95
N LEU B 526 -40.41 -4.63 -13.15
CA LEU B 526 -41.48 -4.30 -12.23
C LEU B 526 -42.81 -4.75 -12.85
N THR B 527 -43.70 -5.25 -12.00
CA THR B 527 -44.99 -5.74 -12.46
C THR B 527 -46.14 -5.45 -11.47
N ARG B 528 -47.29 -6.08 -11.71
CA ARG B 528 -48.52 -5.83 -10.95
C ARG B 528 -49.13 -7.10 -10.36
N LYS B 529 -49.40 -7.07 -9.05
CA LYS B 529 -49.95 -8.24 -8.36
C LYS B 529 -51.45 -8.05 -8.14
N GLU B 530 -51.85 -7.82 -6.88
CA GLU B 530 -53.27 -7.64 -6.59
C GLU B 530 -53.57 -6.21 -7.03
N GLY B 531 -53.35 -5.26 -6.15
CA GLY B 531 -53.48 -3.86 -6.53
C GLY B 531 -52.13 -3.22 -6.74
N LYS B 532 -51.10 -3.86 -6.17
CA LYS B 532 -49.79 -3.27 -5.96
C LYS B 532 -48.71 -3.62 -6.99
N THR B 533 -47.64 -2.82 -6.98
CA THR B 533 -46.51 -3.01 -7.89
C THR B 533 -45.43 -3.90 -7.24
N VAL B 534 -45.06 -4.98 -7.93
CA VAL B 534 -44.12 -5.96 -7.34
C VAL B 534 -42.89 -6.26 -8.20
N GLU B 535 -41.88 -6.85 -7.55
CA GLU B 535 -40.72 -7.41 -8.22
C GLU B 535 -41.19 -8.59 -9.07
N GLY B 536 -40.86 -8.55 -10.35
CA GLY B 536 -41.21 -9.62 -11.27
C GLY B 536 -40.06 -10.05 -12.17
N ALA B 537 -40.36 -10.89 -13.14
CA ALA B 537 -39.35 -11.29 -14.08
C ALA B 537 -39.97 -11.67 -15.40
N ASP B 538 -39.29 -11.29 -16.48
CA ASP B 538 -39.50 -11.90 -17.78
C ASP B 538 -38.84 -13.28 -17.78
N VAL B 539 -39.59 -14.27 -18.27
CA VAL B 539 -39.11 -15.64 -18.29
C VAL B 539 -38.64 -15.98 -19.71
N TYR B 540 -37.37 -16.36 -19.84
CA TYR B 540 -36.79 -16.76 -21.12
C TYR B 540 -36.77 -18.28 -21.28
N LEU B 541 -36.93 -18.75 -22.50
CA LEU B 541 -36.91 -20.19 -22.74
C LEU B 541 -36.03 -20.59 -23.94
N GLY B 542 -35.26 -21.66 -23.76
CA GLY B 542 -34.64 -22.32 -24.88
C GLY B 542 -33.37 -21.72 -25.42
N GLY B 543 -32.66 -20.93 -24.61
CA GLY B 543 -31.32 -20.49 -25.00
C GLY B 543 -30.41 -21.70 -25.01
N ARG B 544 -29.48 -21.76 -25.96
CA ARG B 544 -28.54 -22.90 -25.99
C ARG B 544 -27.10 -22.42 -25.99
N ILE B 545 -26.20 -23.26 -25.52
CA ILE B 545 -24.79 -22.94 -25.54
C ILE B 545 -24.01 -24.01 -26.30
N GLY B 546 -22.70 -23.82 -26.48
CA GLY B 546 -21.86 -24.77 -27.21
C GLY B 546 -21.95 -24.52 -28.69
N SER B 547 -21.57 -25.51 -29.49
CA SER B 547 -21.54 -25.38 -30.96
C SER B 547 -22.91 -25.14 -31.59
N ASP B 548 -23.93 -25.81 -31.04
CA ASP B 548 -25.30 -25.57 -31.50
C ASP B 548 -25.99 -24.51 -30.59
N SER B 549 -25.39 -23.34 -30.53
CA SER B 549 -25.90 -22.29 -29.65
C SER B 549 -27.11 -21.55 -30.25
N HIS B 550 -27.88 -20.94 -29.36
CA HIS B 550 -29.14 -20.27 -29.70
C HIS B 550 -29.45 -19.23 -28.63
N LEU B 551 -29.94 -18.08 -29.05
CA LEU B 551 -30.42 -17.07 -28.11
C LEU B 551 -31.90 -17.28 -27.88
N GLY B 552 -32.26 -17.68 -26.65
CA GLY B 552 -33.66 -17.84 -26.25
C GLY B 552 -34.40 -16.52 -26.34
N ASP B 553 -35.73 -16.59 -26.29
CA ASP B 553 -36.59 -15.41 -26.25
C ASP B 553 -37.44 -15.47 -24.98
N VAL B 554 -38.12 -14.36 -24.69
CA VAL B 554 -39.16 -14.27 -23.63
C VAL B 554 -40.30 -15.26 -23.87
N TYR B 555 -40.54 -16.10 -22.88
CA TYR B 555 -41.61 -17.08 -22.97
C TYR B 555 -42.90 -16.49 -22.40
N LYS B 556 -42.73 -15.77 -21.29
CA LYS B 556 -43.84 -15.14 -20.55
C LYS B 556 -43.37 -13.82 -19.92
N LYS B 557 -44.00 -12.71 -20.29
CA LYS B 557 -43.68 -11.37 -19.79
C LYS B 557 -44.17 -11.14 -18.36
N SER B 558 -43.40 -10.39 -17.57
CA SER B 558 -43.93 -9.71 -16.38
C SER B 558 -44.62 -10.60 -15.36
N VAL B 559 -44.00 -11.73 -15.05
CA VAL B 559 -44.54 -12.63 -14.04
C VAL B 559 -44.12 -12.14 -12.66
N PRO B 560 -45.09 -11.96 -11.74
CA PRO B 560 -44.73 -11.68 -10.35
C PRO B 560 -43.79 -12.76 -9.78
N CYS B 561 -42.74 -12.35 -9.09
CA CYS B 561 -41.73 -13.29 -8.53
C CYS B 561 -42.38 -14.33 -7.59
N GLU B 562 -43.40 -13.90 -6.85
CA GLU B 562 -44.28 -14.78 -6.05
C GLU B 562 -44.91 -15.92 -6.84
N ASP B 563 -45.17 -15.71 -8.13
CA ASP B 563 -45.88 -16.67 -8.98
C ASP B 563 -44.95 -17.55 -9.86
N LEU B 564 -43.65 -17.51 -9.62
CA LEU B 564 -42.68 -18.18 -10.49
C LEU B 564 -42.54 -19.70 -10.31
N VAL B 565 -42.60 -20.17 -9.06
CA VAL B 565 -42.45 -21.60 -8.80
C VAL B 565 -43.34 -22.42 -9.76
N PRO B 566 -44.68 -22.25 -9.70
CA PRO B 566 -45.49 -23.10 -10.56
C PRO B 566 -45.15 -22.98 -12.05
N ILE B 567 -44.81 -21.81 -12.54
CA ILE B 567 -44.59 -21.74 -14.00
C ILE B 567 -43.26 -22.37 -14.43
N ILE B 568 -42.25 -22.29 -13.56
CA ILE B 568 -40.97 -22.94 -13.82
C ILE B 568 -41.15 -24.46 -13.82
N VAL B 569 -41.97 -24.97 -12.90
CA VAL B 569 -42.30 -26.41 -12.82
C VAL B 569 -42.87 -26.88 -14.14
N ASP B 570 -43.90 -26.19 -14.63
CA ASP B 570 -44.47 -26.48 -15.96
C ASP B 570 -43.42 -26.62 -17.04
N LEU B 571 -42.55 -25.63 -17.14
CA LEU B 571 -41.52 -25.59 -18.18
C LEU B 571 -40.54 -26.73 -18.04
N LEU B 572 -40.27 -27.13 -16.81
CA LEU B 572 -39.32 -28.19 -16.55
C LEU B 572 -39.95 -29.50 -16.93
N VAL B 573 -41.19 -29.68 -16.48
CA VAL B 573 -41.99 -30.83 -16.84
C VAL B 573 -42.11 -30.94 -18.38
N ASP B 574 -42.48 -29.84 -19.04
CA ASP B 574 -42.83 -29.85 -20.46
C ASP B 574 -41.62 -29.97 -21.38
N ASN B 575 -40.49 -29.39 -20.98
CA ASN B 575 -39.36 -29.25 -21.90
C ASN B 575 -38.09 -29.99 -21.47
N PHE B 576 -37.97 -30.31 -20.20
CA PHE B 576 -36.68 -30.83 -19.70
C PHE B 576 -36.83 -32.15 -18.95
N GLY B 577 -37.91 -32.87 -19.25
CA GLY B 577 -38.08 -34.25 -18.82
C GLY B 577 -38.31 -34.47 -17.34
N ALA B 578 -38.72 -33.42 -16.64
CA ALA B 578 -38.95 -33.50 -15.19
C ALA B 578 -40.26 -34.23 -14.94
N VAL B 579 -40.38 -34.90 -13.79
CA VAL B 579 -41.63 -35.51 -13.37
C VAL B 579 -42.04 -34.90 -12.03
N PRO B 580 -43.27 -34.35 -11.94
CA PRO B 580 -43.70 -33.67 -10.70
C PRO B 580 -43.87 -34.60 -9.48
N ARG B 581 -44.13 -34.02 -8.31
CA ARG B 581 -44.07 -34.71 -6.99
C ARG B 581 -42.63 -34.88 -6.48
#